data_5OVN
#
_entry.id   5OVN
#
_cell.length_a   127.143
_cell.length_b   127.143
_cell.length_c   191.342
_cell.angle_alpha   90.00
_cell.angle_beta   90.00
_cell.angle_gamma   120.00
#
_symmetry.space_group_name_H-M   'P 31 2 1'
#
loop_
_entity.id
_entity.type
_entity.pdbx_description
1 polymer 'POL protein'
2 polymer 'POL protein'
3 water water
#
loop_
_entity_poly.entity_id
_entity_poly.type
_entity_poly.pdbx_seq_one_letter_code
_entity_poly.pdbx_strand_id
1 'polypeptide(L)'
;QIKQWPLTNEKIEALTEIVERLEREGKVKRADPNNPWNTPVFAIKKKSGKWRMLIDFRELNKLTEKGAEVQLGLPHPAGL
QIKKQVTVLDIGDAYFTIPLDPDYAPYTAFTLPRKNNAGPGRRFVWCSLPQGWILSPLIYQSTLDNIIQPFIRQNPQLDI
YQYMDDIYIGSNLSKKEHKEKVEELRKLLLWWGFETPEDKLQEEPPYTWMGYELHPLTWTIQQKQLDIPEQPTLNELQKL
AGKINWASQAIPDLSIKALTNMMRGNQNLNSTRQWTKEARLEVQKAKKAIEEQVQLGYYDPSKELYAKLSLVGPHQISYQ
VYQKDPEKILWYGKMSRQKKKAENTCDIALRACYKIREESIIRIGKEPRYEIPTSREAWESNLINSPYLKAPPPEVEYIH
AALNIKRALSMIKDAPIPGAETWYIDGGRKLGKAAKAAYWTDTGKWQVMELEGSNQKAEIQALLLALKAGSEEMNIITDS
QYVINIILQQPDMMEGIWQEVLEELEKKTAIFIDWVPGHKGIPGNEEVDKLC
;
A
2 'polypeptide(L)'
;SDKIPVVKVKMKDPNKGPQIKQWPLTNEKIEALTEIVERLEREGKVKRADPNNPWNTPVFAIKKKSGKWRMLIDFRELNK
LTEKGAEVQLGLPHPAGLQIKKQVTVLDIGDAYFTIPLDPDYAPYTAFTLPRKNNAGPGRRFVWCSLPQGWILSPLIYQS
TLDNIIQPFIRQNPQLDIYQYMDDIYIGSNLSKKEHKEKVEELRKLLLWWGFETPEDKLQEEPPYTWMGYELHPLTWTIQ
QKQLDIPEQPTLNELQKLAGKINWASQAIPDLSIKALTNMMRGNQNLNSTRQWTKEARLEVQKAKKAIEEQVQLGYYDPS
KELYAKLSLVGPHQISYQVYQKDPEKILWYGKMSRQKKKAENTCDIALRACYKIREESIIRIGKEPRYEIPTSREAWESN
LINSPYLKAPPPEVEYIHAALNIKRALS
;
B
#
# COMPACT_ATOMS: atom_id res chain seq x y z
N GLN A 1 26.48 5.39 -24.91
CA GLN A 1 25.79 6.54 -24.32
C GLN A 1 26.73 7.51 -23.65
N ILE A 2 27.90 7.05 -23.23
CA ILE A 2 28.63 7.76 -22.19
C ILE A 2 30.10 7.77 -22.56
N LYS A 3 30.83 8.76 -22.06
CA LYS A 3 32.20 9.01 -22.49
C LYS A 3 33.18 8.31 -21.56
N GLN A 4 34.14 7.60 -22.15
CA GLN A 4 35.14 6.88 -21.37
C GLN A 4 35.92 7.85 -20.49
N TRP A 5 35.98 7.54 -19.20
CA TRP A 5 36.56 8.42 -18.20
C TRP A 5 38.09 8.40 -18.24
N PRO A 6 38.74 9.48 -17.77
CA PRO A 6 40.19 9.45 -17.60
C PRO A 6 40.63 8.27 -16.77
N LEU A 7 41.70 7.62 -17.20
CA LEU A 7 42.20 6.42 -16.54
C LEU A 7 43.71 6.53 -16.37
N THR A 8 44.17 6.33 -15.14
CA THR A 8 45.59 6.43 -14.82
C THR A 8 46.43 5.53 -15.73
N ASN A 9 47.60 6.03 -16.13
CA ASN A 9 48.46 5.29 -17.04
C ASN A 9 48.88 3.93 -16.49
N GLU A 10 49.00 3.79 -15.17
CA GLU A 10 49.34 2.49 -14.61
C GLU A 10 48.11 1.61 -14.35
N LYS A 11 46.95 1.97 -14.89
CA LYS A 11 45.84 1.03 -14.92
C LYS A 11 45.64 0.36 -16.26
N ILE A 12 46.04 1.01 -17.35
CA ILE A 12 45.85 0.43 -18.66
C ILE A 12 46.95 -0.58 -18.96
N GLU A 13 48.14 -0.35 -18.40
CA GLU A 13 49.19 -1.37 -18.43
C GLU A 13 48.71 -2.72 -17.93
N ALA A 14 47.75 -2.72 -16.99
CA ALA A 14 47.28 -3.93 -16.36
C ALA A 14 45.83 -4.25 -16.71
N LEU A 15 45.13 -3.39 -17.44
CA LEU A 15 43.77 -3.66 -17.89
C LEU A 15 43.71 -4.08 -19.35
N THR A 16 44.60 -3.53 -20.19
CA THR A 16 44.73 -4.07 -21.54
C THR A 16 45.09 -5.54 -21.53
N GLU A 17 45.80 -5.99 -20.50
CA GLU A 17 46.13 -7.40 -20.40
C GLU A 17 44.91 -8.24 -20.12
N ILE A 18 43.98 -7.74 -19.30
CA ILE A 18 42.77 -8.49 -19.01
C ILE A 18 41.83 -8.45 -20.22
N VAL A 19 41.73 -7.31 -20.90
CA VAL A 19 40.88 -7.24 -22.08
C VAL A 19 41.44 -8.11 -23.20
N GLU A 20 42.77 -8.17 -23.34
CA GLU A 20 43.37 -8.99 -24.38
C GLU A 20 43.25 -10.47 -24.03
N ARG A 21 43.52 -10.81 -22.76
CA ARG A 21 43.27 -12.14 -22.25
C ARG A 21 41.80 -12.54 -22.38
N LEU A 22 40.90 -11.57 -22.55
CA LEU A 22 39.48 -11.89 -22.70
C LEU A 22 39.04 -12.02 -24.15
N GLU A 23 39.56 -11.19 -25.06
CA GLU A 23 39.28 -11.42 -26.47
C GLU A 23 40.01 -12.65 -26.99
N ARG A 24 41.10 -13.07 -26.34
CA ARG A 24 41.76 -14.31 -26.71
C ARG A 24 40.83 -15.50 -26.48
N GLU A 25 40.34 -15.66 -25.25
CA GLU A 25 39.41 -16.74 -24.96
C GLU A 25 38.05 -16.52 -25.62
N GLY A 26 37.76 -15.28 -26.05
CA GLY A 26 36.60 -15.01 -26.88
C GLY A 26 35.42 -14.34 -26.19
N LYS A 27 35.53 -14.02 -24.90
CA LYS A 27 34.39 -13.43 -24.20
C LYS A 27 34.03 -12.05 -24.73
N VAL A 28 34.94 -11.39 -25.45
CA VAL A 28 34.65 -10.16 -26.16
C VAL A 28 35.15 -10.29 -27.58
N LYS A 29 34.76 -9.33 -28.42
CA LYS A 29 35.31 -9.14 -29.73
C LYS A 29 35.34 -7.64 -30.01
N ARG A 30 35.77 -7.26 -31.21
CA ARG A 30 35.81 -5.86 -31.57
C ARG A 30 34.43 -5.40 -32.04
N ALA A 31 34.02 -4.22 -31.57
CA ALA A 31 32.72 -3.67 -31.92
C ALA A 31 32.70 -3.25 -33.38
N ASP A 32 31.59 -2.71 -33.79
CA ASP A 32 31.56 -2.25 -35.17
C ASP A 32 32.05 -0.81 -35.27
N PRO A 33 32.62 -0.44 -36.41
CA PRO A 33 32.94 0.98 -36.65
C PRO A 33 31.78 1.93 -36.41
N ASN A 34 30.54 1.46 -36.61
CA ASN A 34 29.37 2.30 -36.46
C ASN A 34 28.72 2.19 -35.09
N ASN A 35 29.28 1.41 -34.18
CA ASN A 35 28.67 1.24 -32.87
C ASN A 35 28.69 2.57 -32.13
N PRO A 36 27.55 3.26 -31.98
CA PRO A 36 27.58 4.62 -31.41
C PRO A 36 27.67 4.64 -29.90
N TRP A 37 27.23 3.58 -29.24
CA TRP A 37 27.15 3.53 -27.79
C TRP A 37 28.51 3.22 -27.19
N ASN A 38 28.61 3.39 -25.88
CA ASN A 38 29.85 3.15 -25.15
C ASN A 38 29.50 2.81 -23.69
N THR A 39 30.52 2.39 -22.93
CA THR A 39 30.42 2.30 -21.47
C THR A 39 31.79 2.31 -20.83
N PRO A 40 32.02 3.04 -19.72
CA PRO A 40 33.38 3.11 -19.17
C PRO A 40 33.82 1.80 -18.56
N VAL A 41 35.13 1.63 -18.51
CA VAL A 41 35.76 0.43 -17.93
C VAL A 41 36.75 0.91 -16.86
N PHE A 42 36.52 0.47 -15.62
CA PHE A 42 37.41 0.85 -14.53
C PHE A 42 38.25 -0.33 -14.08
N ALA A 43 39.31 -0.03 -13.35
CA ALA A 43 40.29 -1.02 -12.94
C ALA A 43 40.67 -0.78 -11.49
N ILE A 44 40.30 -1.70 -10.61
CA ILE A 44 40.72 -1.69 -9.23
C ILE A 44 41.60 -2.90 -8.99
N LYS A 45 42.55 -2.76 -8.09
CA LYS A 45 43.51 -3.82 -7.78
C LYS A 45 43.08 -4.52 -6.49
N LYS A 46 42.58 -5.74 -6.62
CA LYS A 46 42.26 -6.54 -5.46
C LYS A 46 43.54 -6.84 -4.69
N LYS A 47 43.43 -6.87 -3.36
CA LYS A 47 44.60 -7.06 -2.50
C LYS A 47 45.28 -8.39 -2.79
N SER A 48 46.58 -8.33 -3.07
CA SER A 48 47.44 -9.51 -3.24
C SER A 48 46.98 -10.40 -4.39
N GLY A 49 47.03 -9.84 -5.60
CA GLY A 49 46.66 -10.59 -6.78
C GLY A 49 46.93 -9.88 -8.10
N LYS A 50 45.96 -9.90 -9.00
CA LYS A 50 45.98 -9.13 -10.23
C LYS A 50 44.84 -8.11 -10.21
N TRP A 51 44.79 -7.28 -11.26
CA TRP A 51 43.81 -6.20 -11.33
C TRP A 51 42.47 -6.74 -11.82
N ARG A 52 41.42 -6.50 -11.04
CA ARG A 52 40.07 -6.91 -11.42
C ARG A 52 39.44 -5.82 -12.29
N MET A 53 39.15 -6.16 -13.54
CA MET A 53 38.55 -5.21 -14.48
C MET A 53 37.05 -5.15 -14.24
N LEU A 54 36.54 -3.99 -13.84
CA LEU A 54 35.13 -3.83 -13.50
C LEU A 54 34.52 -2.77 -14.41
N ILE A 55 33.51 -3.19 -15.22
CA ILE A 55 32.78 -2.30 -16.11
C ILE A 55 31.55 -1.77 -15.39
N ASP A 56 31.12 -0.56 -15.76
CA ASP A 56 29.97 0.06 -15.11
C ASP A 56 28.65 -0.57 -15.53
N PHE A 57 28.30 -0.43 -16.82
CA PHE A 57 27.04 -0.92 -17.38
C PHE A 57 25.80 -0.36 -16.67
N ARG A 58 25.95 0.71 -15.88
CA ARG A 58 24.80 1.26 -15.15
C ARG A 58 23.91 2.08 -16.07
N GLU A 59 24.50 2.77 -17.04
CA GLU A 59 23.72 3.63 -17.94
C GLU A 59 22.82 2.80 -18.84
N LEU A 60 23.40 1.81 -19.53
CA LEU A 60 22.63 1.04 -20.51
C LEU A 60 21.65 0.06 -19.86
N ASN A 61 21.84 -0.28 -18.58
CA ASN A 61 20.91 -1.19 -17.92
C ASN A 61 19.51 -0.60 -17.78
N LYS A 62 19.28 0.59 -18.33
CA LYS A 62 17.97 1.22 -18.39
C LYS A 62 17.38 1.26 -19.80
N LEU A 63 18.22 1.37 -20.83
CA LEU A 63 17.73 1.34 -22.22
C LEU A 63 17.58 -0.08 -22.75
N THR A 64 18.37 -1.03 -22.25
CA THR A 64 18.06 -2.44 -22.49
C THR A 64 16.71 -2.74 -21.85
N GLU A 65 15.75 -3.12 -22.69
CA GLU A 65 14.34 -3.01 -22.33
C GLU A 65 14.00 -3.80 -21.07
N LYS A 66 12.85 -3.48 -20.50
CA LYS A 66 12.54 -3.79 -19.11
C LYS A 66 12.21 -5.27 -18.92
N GLY A 67 11.93 -5.62 -17.67
CA GLY A 67 11.40 -6.92 -17.31
C GLY A 67 10.49 -6.76 -16.12
N ALA A 68 10.52 -7.71 -15.20
CA ALA A 68 9.75 -7.60 -13.96
C ALA A 68 10.43 -8.36 -12.81
N GLN A 71 12.01 -11.71 -8.84
CA GLN A 71 12.91 -11.43 -7.74
C GLN A 71 12.36 -10.28 -6.89
N LEU A 72 11.42 -10.62 -6.01
CA LEU A 72 10.52 -9.66 -5.38
C LEU A 72 10.98 -9.22 -4.00
N GLY A 73 12.29 -9.20 -3.76
CA GLY A 73 12.83 -8.79 -2.49
C GLY A 73 13.90 -9.75 -2.02
N LEU A 74 14.38 -9.51 -0.81
CA LEU A 74 15.45 -10.41 -0.43
C LEU A 74 14.97 -11.46 0.56
N PRO A 75 15.50 -12.67 0.47
CA PRO A 75 15.25 -13.65 1.53
C PRO A 75 15.99 -13.26 2.80
N HIS A 76 15.25 -13.22 3.92
CA HIS A 76 15.85 -12.76 5.17
C HIS A 76 16.27 -13.94 6.02
N PRO A 77 17.52 -13.97 6.49
CA PRO A 77 18.04 -15.18 7.15
C PRO A 77 17.27 -15.59 8.40
N ALA A 78 16.58 -14.67 9.06
CA ALA A 78 15.72 -15.07 10.15
C ALA A 78 14.57 -15.95 9.69
N GLY A 79 14.28 -15.98 8.38
CA GLY A 79 13.25 -16.86 7.86
C GLY A 79 13.71 -18.27 7.64
N LEU A 80 15.01 -18.48 7.48
CA LEU A 80 15.57 -19.81 7.57
C LEU A 80 15.28 -20.38 8.96
N GLN A 81 15.08 -21.69 9.01
CA GLN A 81 14.98 -22.40 10.27
C GLN A 81 16.25 -23.20 10.49
N ILE A 82 16.44 -23.64 11.73
CA ILE A 82 17.66 -24.34 12.10
C ILE A 82 17.65 -25.74 11.50
N LYS A 83 18.75 -26.10 10.83
CA LYS A 83 18.87 -27.38 10.16
C LYS A 83 20.10 -28.11 10.68
N LYS A 84 20.01 -29.44 10.77
CA LYS A 84 21.16 -30.23 11.19
C LYS A 84 22.22 -30.28 10.09
N GLN A 85 21.82 -30.18 8.83
CA GLN A 85 22.75 -30.21 7.70
C GLN A 85 22.49 -29.00 6.81
N VAL A 86 23.57 -28.34 6.38
CA VAL A 86 23.47 -27.14 5.56
C VAL A 86 24.58 -27.15 4.51
N THR A 87 24.23 -26.91 3.26
CA THR A 87 25.20 -26.73 2.19
C THR A 87 24.89 -25.44 1.45
N VAL A 88 25.93 -24.78 0.96
CA VAL A 88 25.78 -23.61 0.10
C VAL A 88 26.57 -23.87 -1.19
N LEU A 89 25.85 -24.13 -2.28
CA LEU A 89 26.47 -24.20 -3.60
C LEU A 89 26.67 -22.80 -4.15
N ASP A 90 27.83 -22.57 -4.74
CA ASP A 90 28.08 -21.39 -5.54
C ASP A 90 28.10 -21.80 -7.00
N ILE A 91 27.31 -21.12 -7.82
CA ILE A 91 27.37 -21.32 -9.28
C ILE A 91 28.39 -20.31 -9.79
N GLY A 92 29.66 -20.69 -9.70
CA GLY A 92 30.73 -19.99 -10.38
C GLY A 92 30.47 -20.11 -11.87
N ASP A 93 31.36 -19.58 -12.71
CA ASP A 93 31.05 -19.56 -14.15
C ASP A 93 29.77 -18.75 -14.35
N ALA A 94 29.77 -17.54 -13.79
CA ALA A 94 28.50 -16.88 -13.53
C ALA A 94 27.72 -16.59 -14.80
N TYR A 95 28.22 -15.64 -15.58
CA TYR A 95 27.77 -15.43 -16.94
C TYR A 95 28.89 -15.72 -17.91
N PHE A 96 29.95 -16.36 -17.42
CA PHE A 96 31.27 -16.18 -17.98
C PHE A 96 31.48 -16.97 -19.28
N THR A 97 30.83 -18.14 -19.43
CA THR A 97 30.90 -18.87 -20.68
C THR A 97 29.58 -18.89 -21.44
N ILE A 98 28.52 -18.34 -20.87
CA ILE A 98 27.16 -18.54 -21.35
C ILE A 98 26.89 -17.51 -22.44
N PRO A 99 26.66 -17.92 -23.69
CA PRO A 99 26.62 -16.97 -24.81
C PRO A 99 25.52 -15.92 -24.65
N LEU A 100 25.75 -14.76 -25.25
CA LEU A 100 24.90 -13.59 -25.10
C LEU A 100 24.23 -13.22 -26.43
N ASP A 101 22.94 -12.89 -26.35
CA ASP A 101 22.07 -12.48 -27.45
C ASP A 101 22.77 -11.48 -28.37
N PRO A 102 22.93 -11.82 -29.66
CA PRO A 102 23.68 -10.93 -30.56
C PRO A 102 22.96 -9.64 -30.94
N ASP A 103 21.63 -9.60 -30.85
CA ASP A 103 20.91 -8.37 -31.21
C ASP A 103 20.87 -7.35 -30.08
N TYR A 104 21.18 -7.77 -28.85
CA TYR A 104 21.46 -6.84 -27.77
C TYR A 104 22.95 -6.65 -27.53
N ALA A 105 23.78 -7.50 -28.14
CA ALA A 105 25.23 -7.46 -27.98
C ALA A 105 25.90 -6.17 -28.44
N PRO A 106 25.35 -5.38 -29.37
CA PRO A 106 26.05 -4.12 -29.73
C PRO A 106 26.16 -3.12 -28.60
N TYR A 107 25.11 -2.91 -27.79
CA TYR A 107 25.08 -1.84 -26.79
C TYR A 107 26.09 -2.11 -25.70
N THR A 108 26.89 -3.13 -25.92
CA THR A 108 27.92 -3.56 -25.00
C THR A 108 29.19 -2.72 -25.09
N ALA A 109 29.21 -1.72 -25.97
CA ALA A 109 30.48 -1.17 -26.46
C ALA A 109 31.25 -0.46 -25.35
N PHE A 110 32.57 -0.67 -25.32
CA PHE A 110 33.44 0.11 -24.45
C PHE A 110 34.74 0.44 -25.16
N THR A 111 35.13 1.72 -25.15
CA THR A 111 36.44 2.09 -25.65
C THR A 111 37.51 1.88 -24.58
N LEU A 112 38.74 1.68 -25.04
CA LEU A 112 39.89 1.44 -24.19
C LEU A 112 41.03 2.33 -24.62
N PRO A 113 41.73 2.96 -23.67
CA PRO A 113 42.82 3.88 -24.02
C PRO A 113 44.13 3.14 -24.28
N ARG A 114 45.02 3.80 -25.01
CA ARG A 114 46.32 3.23 -25.35
C ARG A 114 47.40 3.65 -24.36
N LYS A 115 47.69 4.95 -24.31
CA LYS A 115 48.42 5.62 -23.24
C LYS A 115 47.62 6.85 -22.82
N ASN A 116 46.32 6.62 -22.65
CA ASN A 116 45.32 7.66 -22.50
C ASN A 116 45.42 8.68 -23.64
N ASN A 117 45.05 8.17 -24.81
CA ASN A 117 44.92 8.90 -26.08
C ASN A 117 46.25 9.15 -26.76
N ALA A 118 47.27 8.33 -26.47
CA ALA A 118 48.40 8.24 -27.38
C ALA A 118 47.94 7.86 -28.77
N GLY A 119 46.84 7.12 -28.86
CA GLY A 119 46.09 6.95 -30.08
C GLY A 119 44.61 7.03 -29.79
N PRO A 120 43.78 6.82 -30.80
CA PRO A 120 42.34 6.69 -30.56
C PRO A 120 42.01 5.36 -29.90
N GLY A 121 40.79 5.29 -29.34
CA GLY A 121 40.45 4.20 -28.44
C GLY A 121 40.09 2.91 -29.14
N ARG A 122 40.50 1.79 -28.53
CA ARG A 122 40.19 0.45 -29.03
C ARG A 122 38.84 0.03 -28.47
N ARG A 123 37.83 -0.07 -29.33
CA ARG A 123 36.48 -0.37 -28.91
C ARG A 123 36.23 -1.88 -28.90
N PHE A 124 35.43 -2.33 -27.95
CA PHE A 124 35.17 -3.75 -27.78
C PHE A 124 33.70 -3.97 -27.45
N VAL A 125 33.31 -5.24 -27.59
CA VAL A 125 31.92 -5.66 -27.52
C VAL A 125 31.89 -7.09 -26.97
N TRP A 126 31.08 -7.29 -25.94
CA TRP A 126 30.98 -8.55 -25.18
C TRP A 126 30.14 -9.54 -25.97
N CYS A 127 30.78 -10.63 -26.41
CA CYS A 127 30.12 -11.61 -27.26
C CYS A 127 29.68 -12.84 -26.46
N SER A 128 30.62 -13.51 -25.81
CA SER A 128 30.28 -14.75 -25.12
C SER A 128 29.61 -14.47 -23.79
N LEU A 129 30.31 -13.87 -22.86
CA LEU A 129 29.73 -13.68 -21.55
C LEU A 129 28.78 -12.48 -21.52
N PRO A 130 27.78 -12.49 -20.63
CA PRO A 130 27.22 -11.22 -20.16
C PRO A 130 28.15 -10.40 -19.30
N GLN A 131 29.40 -10.84 -19.10
CA GLN A 131 30.52 -10.08 -18.53
C GLN A 131 30.53 -9.98 -17.01
N GLY A 132 29.80 -10.83 -16.30
CA GLY A 132 29.75 -10.68 -14.85
C GLY A 132 29.18 -9.36 -14.39
N TRP A 133 28.32 -8.77 -15.21
CA TRP A 133 27.68 -7.49 -14.90
C TRP A 133 26.61 -7.71 -13.83
N ILE A 134 25.86 -6.65 -13.56
CA ILE A 134 24.84 -6.72 -12.51
C ILE A 134 23.58 -7.41 -13.02
N LEU A 135 23.27 -7.30 -14.31
CA LEU A 135 21.99 -7.79 -14.83
C LEU A 135 22.04 -9.28 -15.18
N SER A 136 22.50 -10.05 -14.20
CA SER A 136 22.36 -11.49 -14.18
C SER A 136 20.91 -11.89 -13.84
N PRO A 137 20.21 -11.22 -12.89
CA PRO A 137 18.86 -11.66 -12.52
C PRO A 137 17.91 -11.92 -13.68
N LEU A 138 18.06 -11.22 -14.80
CA LEU A 138 17.30 -11.55 -16.00
C LEU A 138 17.70 -12.93 -16.51
N ILE A 139 18.96 -13.06 -16.93
CA ILE A 139 19.45 -14.32 -17.48
C ILE A 139 19.53 -15.40 -16.42
N TYR A 140 19.69 -15.03 -15.15
CA TYR A 140 19.98 -16.01 -14.12
C TYR A 140 18.74 -16.63 -13.49
N GLN A 141 17.96 -15.81 -12.78
CA GLN A 141 17.17 -16.34 -11.68
C GLN A 141 15.98 -17.15 -12.16
N SER A 142 15.28 -16.67 -13.19
CA SER A 142 14.08 -17.38 -13.63
C SER A 142 14.39 -18.64 -14.44
N THR A 143 15.57 -18.74 -15.04
CA THR A 143 15.91 -19.99 -15.72
C THR A 143 16.46 -21.02 -14.74
N LEU A 144 17.30 -20.59 -13.81
CA LEU A 144 17.74 -21.45 -12.72
C LEU A 144 16.55 -21.98 -11.91
N ASP A 145 15.56 -21.11 -11.69
CA ASP A 145 14.39 -21.47 -10.90
C ASP A 145 13.59 -22.58 -11.56
N ASN A 146 13.51 -22.58 -12.89
CA ASN A 146 12.79 -23.64 -13.58
C ASN A 146 13.64 -24.89 -13.76
N ILE A 147 14.97 -24.74 -13.77
CA ILE A 147 15.83 -25.92 -13.73
C ILE A 147 15.62 -26.68 -12.41
N ILE A 148 15.63 -25.96 -11.28
CA ILE A 148 15.65 -26.62 -9.98
C ILE A 148 14.28 -26.75 -9.33
N GLN A 149 13.24 -26.12 -9.88
CA GLN A 149 11.91 -26.29 -9.30
C GLN A 149 11.42 -27.74 -9.30
N PRO A 150 11.72 -28.57 -10.32
CA PRO A 150 11.38 -30.00 -10.18
C PRO A 150 12.06 -30.66 -8.99
N PHE A 151 13.35 -30.39 -8.78
CA PHE A 151 14.03 -30.89 -7.59
C PHE A 151 13.39 -30.36 -6.31
N ILE A 152 12.90 -29.12 -6.35
CA ILE A 152 12.24 -28.54 -5.17
C ILE A 152 10.97 -29.31 -4.85
N ARG A 153 10.14 -29.57 -5.87
CA ARG A 153 8.90 -30.31 -5.63
C ARG A 153 9.17 -31.75 -5.22
N GLN A 154 10.21 -32.36 -5.79
CA GLN A 154 10.53 -33.75 -5.48
C GLN A 154 10.93 -33.93 -4.02
N ASN A 155 11.45 -32.88 -3.37
CA ASN A 155 12.09 -33.00 -2.06
C ASN A 155 11.52 -31.98 -1.08
N PRO A 156 10.31 -32.23 -0.56
CA PRO A 156 9.78 -31.34 0.50
C PRO A 156 10.58 -31.40 1.80
N GLN A 157 11.36 -32.46 2.03
CA GLN A 157 12.16 -32.55 3.25
C GLN A 157 13.35 -31.60 3.24
N LEU A 158 13.66 -30.94 2.12
CA LEU A 158 14.73 -29.97 2.04
C LEU A 158 14.20 -28.54 1.97
N ASP A 159 15.07 -27.60 2.33
CA ASP A 159 14.77 -26.17 2.37
C ASP A 159 15.77 -25.49 1.44
N ILE A 160 15.32 -25.16 0.22
CA ILE A 160 16.17 -24.58 -0.82
C ILE A 160 15.97 -23.07 -0.86
N TYR A 161 17.07 -22.36 -1.15
CA TYR A 161 17.04 -20.90 -1.24
C TYR A 161 17.95 -20.48 -2.37
N GLN A 162 17.40 -19.77 -3.35
CA GLN A 162 18.16 -19.33 -4.50
C GLN A 162 18.29 -17.81 -4.44
N TYR A 163 19.47 -17.33 -4.12
CA TYR A 163 19.81 -15.93 -4.33
C TYR A 163 20.97 -15.90 -5.30
N MET A 164 21.34 -14.71 -5.78
CA MET A 164 21.82 -14.51 -7.14
C MET A 164 22.62 -15.67 -7.73
N ASP A 165 23.74 -16.06 -7.10
CA ASP A 165 24.53 -17.18 -7.59
C ASP A 165 24.92 -18.12 -6.46
N ASP A 166 24.15 -18.11 -5.37
CA ASP A 166 24.25 -19.05 -4.27
C ASP A 166 22.93 -19.81 -4.15
N ILE A 167 23.02 -21.13 -4.09
CA ILE A 167 21.93 -22.00 -3.66
C ILE A 167 22.24 -22.46 -2.26
N TYR A 168 21.22 -22.50 -1.41
CA TYR A 168 21.34 -22.95 -0.03
C TYR A 168 20.40 -24.12 0.16
N ILE A 169 20.91 -25.21 0.73
CA ILE A 169 20.14 -26.43 0.93
C ILE A 169 20.25 -26.79 2.42
N GLY A 170 19.13 -26.70 3.13
CA GLY A 170 19.11 -27.03 4.54
C GLY A 170 18.16 -28.17 4.85
N SER A 171 18.63 -29.17 5.59
CA SER A 171 17.81 -30.36 5.85
C SER A 171 18.10 -30.90 7.23
N ASN A 172 17.23 -31.80 7.68
CA ASN A 172 17.41 -32.53 8.93
C ASN A 172 17.71 -34.00 8.70
N LEU A 173 18.01 -34.39 7.47
CA LEU A 173 18.50 -35.73 7.21
C LEU A 173 19.88 -35.93 7.84
N SER A 174 20.37 -37.16 7.80
CA SER A 174 21.73 -37.40 8.24
C SER A 174 22.71 -36.83 7.21
N LYS A 175 23.96 -36.67 7.65
CA LYS A 175 24.99 -36.10 6.79
C LYS A 175 25.11 -36.85 5.47
N LYS A 176 24.89 -38.17 5.49
CA LYS A 176 25.06 -38.98 4.29
C LYS A 176 23.90 -38.76 3.32
N GLU A 177 22.66 -38.88 3.81
CA GLU A 177 21.51 -38.67 2.93
C GLU A 177 21.48 -37.24 2.38
N HIS A 178 21.80 -36.27 3.24
CA HIS A 178 21.87 -34.88 2.81
C HIS A 178 22.92 -34.70 1.72
N LYS A 179 24.11 -35.25 1.93
CA LYS A 179 25.15 -35.17 0.91
C LYS A 179 24.67 -35.77 -0.40
N GLU A 180 24.04 -36.94 -0.33
CA GLU A 180 23.55 -37.59 -1.55
C GLU A 180 22.57 -36.70 -2.29
N LYS A 181 21.62 -36.08 -1.57
CA LYS A 181 20.65 -35.23 -2.23
C LYS A 181 21.30 -33.99 -2.85
N VAL A 182 22.26 -33.38 -2.15
CA VAL A 182 22.97 -32.24 -2.72
C VAL A 182 23.69 -32.65 -4.00
N GLU A 183 24.24 -33.87 -4.02
CA GLU A 183 24.85 -34.37 -5.25
C GLU A 183 23.80 -34.59 -6.34
N GLU A 184 22.60 -35.02 -5.96
CA GLU A 184 21.50 -35.13 -6.91
C GLU A 184 21.25 -33.81 -7.61
N LEU A 185 21.10 -32.74 -6.83
CA LEU A 185 20.83 -31.43 -7.44
C LEU A 185 22.02 -30.93 -8.24
N ARG A 186 23.25 -31.16 -7.76
CA ARG A 186 24.43 -30.77 -8.54
C ARG A 186 24.45 -31.47 -9.90
N LYS A 187 24.10 -32.76 -9.93
CA LYS A 187 23.93 -33.47 -11.19
C LYS A 187 22.91 -32.75 -12.07
N LEU A 188 21.71 -32.51 -11.54
CA LEU A 188 20.68 -31.79 -12.29
C LEU A 188 21.19 -30.47 -12.85
N LEU A 189 22.05 -29.77 -12.09
CA LEU A 189 22.54 -28.47 -12.54
C LEU A 189 23.53 -28.65 -13.69
N LEU A 190 24.42 -29.63 -13.59
CA LEU A 190 25.37 -29.83 -14.68
C LEU A 190 24.66 -30.30 -15.95
N TRP A 191 23.61 -31.11 -15.81
CA TRP A 191 22.89 -31.58 -16.99
C TRP A 191 22.24 -30.45 -17.78
N TRP A 192 22.10 -29.26 -17.18
CA TRP A 192 21.59 -28.10 -17.88
C TRP A 192 22.64 -27.02 -18.12
N GLY A 193 23.90 -27.27 -17.77
CA GLY A 193 25.01 -26.39 -18.08
C GLY A 193 25.66 -25.76 -16.86
N PHE A 194 24.93 -25.63 -15.75
CA PHE A 194 25.45 -24.94 -14.57
C PHE A 194 26.34 -25.88 -13.79
N GLU A 195 27.65 -25.63 -13.83
CA GLU A 195 28.62 -26.41 -13.09
C GLU A 195 28.82 -25.81 -11.71
N THR A 196 28.96 -26.69 -10.71
CA THR A 196 29.19 -26.26 -9.33
C THR A 196 30.59 -26.72 -8.89
N PRO A 197 31.58 -25.84 -8.89
CA PRO A 197 32.95 -26.28 -8.59
C PRO A 197 33.13 -26.66 -7.13
N GLU A 198 33.85 -27.77 -6.92
CA GLU A 198 33.99 -28.34 -5.58
C GLU A 198 34.69 -27.41 -4.60
N ASP A 199 35.49 -26.47 -5.09
CA ASP A 199 36.27 -25.60 -4.21
C ASP A 199 35.48 -24.40 -3.71
N LYS A 200 34.37 -24.06 -4.36
CA LYS A 200 33.48 -22.99 -3.88
C LYS A 200 32.33 -23.53 -3.04
N LEU A 201 32.25 -24.85 -2.84
CA LEU A 201 31.26 -25.43 -1.96
C LEU A 201 31.56 -25.07 -0.52
N GLN A 202 30.54 -25.14 0.34
CA GLN A 202 30.68 -24.68 1.72
C GLN A 202 30.62 -25.82 2.72
N GLU A 203 29.47 -26.49 2.86
CA GLU A 203 29.34 -27.75 3.59
C GLU A 203 29.88 -27.75 5.01
N GLU A 204 30.30 -26.60 5.54
CA GLU A 204 31.17 -26.58 6.71
C GLU A 204 30.82 -25.40 7.63
N PRO A 205 31.45 -25.22 8.79
CA PRO A 205 30.67 -24.80 9.98
C PRO A 205 30.08 -23.40 9.87
N PRO A 206 30.85 -22.34 9.45
CA PRO A 206 30.15 -21.07 9.13
C PRO A 206 29.92 -20.87 7.64
N TYR A 207 28.74 -20.36 7.27
CA TYR A 207 28.39 -20.21 5.86
C TYR A 207 28.28 -18.74 5.48
N THR A 208 28.85 -18.40 4.34
CA THR A 208 28.66 -17.11 3.71
C THR A 208 27.42 -17.17 2.82
N TRP A 209 26.49 -16.23 3.02
CA TRP A 209 25.20 -16.31 2.33
C TRP A 209 24.60 -14.90 2.25
N MET A 210 24.68 -14.29 1.06
CA MET A 210 24.20 -12.93 0.79
C MET A 210 24.78 -11.91 1.76
N GLY A 211 26.08 -11.99 1.99
CA GLY A 211 26.66 -11.08 2.96
C GLY A 211 26.10 -11.23 4.36
N TYR A 212 25.54 -12.39 4.67
CA TYR A 212 25.32 -12.83 6.03
C TYR A 212 26.26 -13.98 6.34
N GLU A 213 26.44 -14.24 7.63
CA GLU A 213 27.19 -15.39 8.13
C GLU A 213 26.24 -16.25 8.95
N LEU A 214 25.98 -17.46 8.47
CA LEU A 214 25.10 -18.39 9.15
C LEU A 214 25.92 -19.32 10.04
N HIS A 215 25.60 -19.32 11.32
CA HIS A 215 26.05 -20.27 12.31
C HIS A 215 24.89 -21.19 12.70
N PRO A 216 25.16 -22.29 13.40
CA PRO A 216 24.05 -23.22 13.72
C PRO A 216 22.89 -22.58 14.47
N LEU A 217 23.17 -21.87 15.56
CA LEU A 217 22.10 -21.28 16.36
C LEU A 217 21.75 -19.87 15.94
N THR A 218 22.52 -19.30 15.03
CA THR A 218 22.69 -17.86 15.02
C THR A 218 23.16 -17.42 13.65
N TRP A 219 22.66 -16.28 13.19
CA TRP A 219 23.24 -15.63 12.03
C TRP A 219 23.71 -14.25 12.43
N THR A 220 24.55 -13.67 11.59
CA THR A 220 25.06 -12.32 11.84
C THR A 220 25.43 -11.69 10.52
N ILE A 221 25.79 -10.40 10.57
CA ILE A 221 26.25 -9.71 9.39
C ILE A 221 27.65 -10.19 9.05
N GLN A 222 27.85 -10.60 7.80
CA GLN A 222 29.17 -10.89 7.27
C GLN A 222 30.07 -9.67 7.45
N GLN A 223 31.38 -9.84 7.40
CA GLN A 223 32.27 -8.68 7.23
C GLN A 223 32.11 -7.69 8.38
N LYS A 224 32.58 -8.13 9.54
CA LYS A 224 32.38 -7.43 10.81
C LYS A 224 33.09 -6.05 10.90
N GLN A 225 33.76 -5.43 9.92
CA GLN A 225 34.35 -4.11 10.16
C GLN A 225 34.12 -3.20 8.96
N LEU A 226 33.49 -2.06 9.23
CA LEU A 226 33.34 -0.99 8.26
C LEU A 226 34.54 -0.06 8.35
N ASP A 227 35.10 0.31 7.20
CA ASP A 227 36.29 1.16 7.14
C ASP A 227 35.93 2.46 6.43
N ILE A 228 36.20 3.58 7.09
CA ILE A 228 35.90 4.91 6.54
C ILE A 228 37.16 5.44 5.88
N PRO A 229 37.24 5.47 4.55
CA PRO A 229 38.40 6.07 3.88
C PRO A 229 38.30 7.58 3.89
N GLU A 230 39.46 8.23 4.04
CA GLU A 230 39.48 9.68 4.18
C GLU A 230 39.47 10.40 2.84
N GLN A 231 39.90 9.75 1.76
CA GLN A 231 39.66 10.27 0.42
C GLN A 231 38.72 9.31 -0.29
N PRO A 232 37.42 9.45 -0.10
CA PRO A 232 36.47 8.44 -0.58
C PRO A 232 36.20 8.58 -2.07
N THR A 233 36.69 7.62 -2.85
CA THR A 233 36.19 7.53 -4.21
C THR A 233 34.79 6.94 -4.20
N LEU A 234 34.01 7.30 -5.22
CA LEU A 234 32.60 6.91 -5.26
C LEU A 234 32.41 5.41 -5.27
N ASN A 235 33.39 4.67 -5.79
CA ASN A 235 33.33 3.21 -5.71
C ASN A 235 33.32 2.73 -4.26
N GLU A 236 34.34 3.13 -3.49
CA GLU A 236 34.39 2.80 -2.07
C GLU A 236 33.11 3.23 -1.36
N LEU A 237 32.57 4.39 -1.74
CA LEU A 237 31.32 4.87 -1.16
C LEU A 237 30.18 3.90 -1.46
N GLN A 238 30.04 3.47 -2.72
CA GLN A 238 28.98 2.55 -3.08
C GLN A 238 29.10 1.23 -2.32
N LYS A 239 30.32 0.72 -2.18
CA LYS A 239 30.52 -0.48 -1.36
C LYS A 239 30.12 -0.24 0.08
N LEU A 240 30.33 0.98 0.58
CA LEU A 240 29.87 1.30 1.93
C LEU A 240 28.35 1.29 2.00
N ALA A 241 27.68 1.81 0.97
CA ALA A 241 26.21 1.80 0.97
C ALA A 241 25.67 0.37 0.89
N GLY A 242 26.36 -0.50 0.16
CA GLY A 242 25.97 -1.90 0.13
C GLY A 242 26.10 -2.56 1.49
N LYS A 243 27.27 -2.40 2.12
CA LYS A 243 27.47 -2.96 3.45
C LYS A 243 26.43 -2.44 4.44
N ILE A 244 26.17 -1.13 4.42
CA ILE A 244 25.18 -0.56 5.32
C ILE A 244 23.81 -1.16 5.06
N ASN A 245 23.46 -1.35 3.78
CA ASN A 245 22.15 -1.91 3.46
C ASN A 245 22.03 -3.34 3.96
N TRP A 246 23.13 -4.11 3.91
CA TRP A 246 23.10 -5.46 4.48
C TRP A 246 22.89 -5.41 5.99
N ALA A 247 23.69 -4.60 6.68
CA ALA A 247 23.54 -4.46 8.13
C ALA A 247 22.18 -3.91 8.51
N SER A 248 21.48 -3.25 7.58
CA SER A 248 20.18 -2.66 7.87
C SER A 248 19.08 -3.72 8.00
N GLN A 249 19.35 -4.96 7.60
CA GLN A 249 18.34 -6.01 7.76
C GLN A 249 18.30 -6.52 9.19
N ALA A 250 19.47 -6.61 9.84
CA ALA A 250 19.53 -6.94 11.26
C ALA A 250 19.18 -5.73 12.12
N ILE A 251 19.94 -4.66 11.98
CA ILE A 251 19.86 -3.46 12.82
C ILE A 251 18.82 -2.51 12.24
N PRO A 252 18.12 -1.71 13.07
CA PRO A 252 17.27 -0.64 12.51
C PRO A 252 18.00 0.68 12.39
N ASP A 253 17.32 1.68 11.83
CA ASP A 253 17.68 3.09 11.97
C ASP A 253 19.01 3.47 11.30
N LEU A 254 19.45 2.73 10.29
CA LEU A 254 20.69 3.05 9.59
C LEU A 254 20.35 3.70 8.26
N SER A 255 20.55 5.01 8.17
CA SER A 255 20.19 5.77 6.99
C SER A 255 21.32 5.77 5.96
N ILE A 256 20.93 5.79 4.70
CA ILE A 256 21.84 5.93 3.57
C ILE A 256 21.67 7.26 2.86
N LYS A 257 20.75 8.11 3.32
CA LYS A 257 20.24 9.19 2.49
C LYS A 257 21.24 10.33 2.33
N ALA A 258 21.87 10.76 3.43
CA ALA A 258 22.90 11.78 3.30
C ALA A 258 24.11 11.27 2.52
N LEU A 259 24.40 9.97 2.63
CA LEU A 259 25.51 9.39 1.89
C LEU A 259 25.15 9.15 0.42
N THR A 260 23.88 8.87 0.11
CA THR A 260 23.48 8.76 -1.29
C THR A 260 23.39 10.13 -1.95
N ASN A 261 22.90 11.14 -1.21
CA ASN A 261 22.99 12.52 -1.67
C ASN A 261 24.43 12.90 -1.99
N MET A 262 25.38 12.41 -1.19
CA MET A 262 26.79 12.67 -1.42
C MET A 262 27.29 12.02 -2.71
N MET A 263 26.59 11.02 -3.23
CA MET A 263 26.83 10.52 -4.57
C MET A 263 25.99 11.34 -5.56
N ARG A 264 26.63 11.76 -6.64
CA ARG A 264 25.97 12.66 -7.59
C ARG A 264 26.57 12.43 -8.97
N GLY A 265 26.36 13.39 -9.87
CA GLY A 265 26.92 13.35 -11.21
C GLY A 265 28.42 13.17 -11.21
N ASN A 266 29.02 13.00 -12.39
CA ASN A 266 30.40 12.54 -12.50
C ASN A 266 30.51 11.13 -11.90
N GLN A 267 29.81 10.20 -12.55
CA GLN A 267 29.64 8.80 -12.14
C GLN A 267 30.95 8.00 -12.18
N ASN A 268 32.08 8.64 -12.50
CA ASN A 268 33.38 7.97 -12.41
C ASN A 268 33.54 7.32 -11.04
N LEU A 269 33.85 6.02 -11.04
CA LEU A 269 34.03 5.27 -9.81
C LEU A 269 35.46 5.37 -9.26
N ASN A 270 36.34 6.12 -9.93
CA ASN A 270 37.60 6.51 -9.34
C ASN A 270 37.70 8.02 -9.10
N SER A 271 36.65 8.77 -9.43
CA SER A 271 36.48 10.12 -8.90
C SER A 271 36.23 10.03 -7.40
N THR A 272 36.11 11.18 -6.74
CA THR A 272 35.93 11.21 -5.30
C THR A 272 34.79 12.13 -4.91
N ARG A 273 34.45 12.08 -3.63
CA ARG A 273 33.63 13.10 -2.97
C ARG A 273 34.35 13.53 -1.70
N GLN A 274 33.78 14.52 -1.03
CA GLN A 274 34.27 14.98 0.25
C GLN A 274 33.16 14.85 1.28
N TRP A 275 33.52 14.44 2.48
CA TRP A 275 32.54 14.08 3.51
C TRP A 275 31.73 15.30 3.92
N THR A 276 30.47 15.35 3.52
CA THR A 276 29.54 16.28 4.16
C THR A 276 29.34 15.85 5.62
N LYS A 277 28.89 16.80 6.44
CA LYS A 277 28.89 16.59 7.88
C LYS A 277 27.88 15.52 8.31
N GLU A 278 26.71 15.49 7.65
CA GLU A 278 25.67 14.53 8.05
C GLU A 278 26.03 13.11 7.60
N ALA A 279 26.55 12.98 6.38
CA ALA A 279 26.92 11.68 5.83
C ALA A 279 28.30 11.22 6.25
N ARG A 280 28.89 11.85 7.27
CA ARG A 280 29.93 11.18 8.04
C ARG A 280 29.38 10.62 9.34
N LEU A 281 28.39 11.30 9.92
CA LEU A 281 27.77 10.79 11.13
C LEU A 281 26.92 9.56 10.84
N GLU A 282 26.30 9.49 9.67
CA GLU A 282 25.63 8.25 9.28
C GLU A 282 26.63 7.10 9.21
N VAL A 283 27.76 7.31 8.53
CA VAL A 283 28.74 6.24 8.32
C VAL A 283 29.42 5.85 9.63
N GLN A 284 29.55 6.78 10.57
CA GLN A 284 30.16 6.45 11.85
C GLN A 284 29.17 5.73 12.77
N LYS A 285 27.92 6.18 12.77
CA LYS A 285 26.87 5.47 13.50
C LYS A 285 26.77 4.02 13.03
N ALA A 286 26.60 3.84 11.71
CA ALA A 286 26.61 2.49 11.16
C ALA A 286 27.92 1.77 11.46
N LYS A 287 29.04 2.51 11.53
CA LYS A 287 30.33 1.87 11.76
C LYS A 287 30.39 1.22 13.13
N LYS A 288 29.90 1.92 14.16
CA LYS A 288 29.93 1.33 15.50
C LYS A 288 28.85 0.29 15.67
N ALA A 289 27.70 0.48 15.02
CA ALA A 289 26.67 -0.55 15.06
C ALA A 289 27.17 -1.87 14.49
N ILE A 290 27.83 -1.81 13.33
CA ILE A 290 28.30 -3.02 12.67
C ILE A 290 29.39 -3.70 13.51
N GLU A 291 30.42 -2.95 13.88
CA GLU A 291 31.41 -3.48 14.82
C GLU A 291 30.73 -3.76 16.16
N GLU A 292 31.42 -4.51 17.03
CA GLU A 292 30.84 -4.99 18.28
C GLU A 292 29.53 -5.72 17.97
N GLN A 293 29.70 -6.86 17.29
CA GLN A 293 28.66 -7.47 16.49
C GLN A 293 27.45 -7.90 17.32
N VAL A 294 26.33 -8.03 16.62
CA VAL A 294 25.09 -8.57 17.17
C VAL A 294 24.82 -9.90 16.48
N GLN A 295 24.06 -10.76 17.18
CA GLN A 295 23.70 -12.06 16.63
C GLN A 295 22.21 -12.29 16.85
N LEU A 296 21.54 -12.85 15.84
CA LEU A 296 20.10 -13.03 15.88
C LEU A 296 19.72 -14.45 15.49
N GLY A 297 18.43 -14.77 15.70
CA GLY A 297 17.97 -16.15 15.65
C GLY A 297 17.23 -16.51 14.38
N TYR A 298 16.94 -17.81 14.27
CA TYR A 298 16.13 -18.35 13.20
C TYR A 298 14.71 -18.61 13.70
N TYR A 299 13.76 -18.61 12.77
CA TYR A 299 12.36 -18.78 13.15
C TYR A 299 12.06 -20.22 13.52
N ASP A 300 11.30 -20.39 14.60
CA ASP A 300 10.92 -21.69 15.14
C ASP A 300 9.42 -21.87 14.89
N PRO A 301 9.03 -22.55 13.80
CA PRO A 301 7.59 -22.64 13.49
C PRO A 301 6.76 -23.29 14.58
N SER A 302 7.38 -24.03 15.50
CA SER A 302 6.67 -24.67 16.60
C SER A 302 6.51 -23.76 17.81
N LYS A 303 6.63 -22.45 17.62
CA LYS A 303 6.57 -21.51 18.73
C LYS A 303 5.76 -20.29 18.32
N GLU A 304 5.15 -19.65 19.31
CA GLU A 304 4.43 -18.41 19.05
C GLU A 304 5.40 -17.33 18.57
N LEU A 305 4.93 -16.53 17.63
CA LEU A 305 5.68 -15.38 17.11
C LEU A 305 5.17 -14.12 17.79
N TYR A 306 6.10 -13.20 18.08
CA TYR A 306 5.73 -11.98 18.79
C TYR A 306 6.40 -10.78 18.13
N ALA A 307 5.69 -9.66 18.18
CA ALA A 307 6.24 -8.34 17.89
C ALA A 307 5.96 -7.47 19.10
N LYS A 308 7.01 -6.94 19.70
CA LYS A 308 6.88 -6.05 20.86
C LYS A 308 7.27 -4.65 20.46
N LEU A 309 6.34 -3.71 20.66
CA LEU A 309 6.61 -2.29 20.51
C LEU A 309 7.16 -1.75 21.84
N SER A 310 8.34 -1.18 21.79
CA SER A 310 8.91 -0.42 22.89
C SER A 310 8.94 1.06 22.52
N LEU A 311 8.97 1.89 23.55
CA LEU A 311 8.79 3.32 23.42
C LEU A 311 9.88 4.05 24.20
N VAL A 312 10.64 4.89 23.51
CA VAL A 312 11.38 5.97 24.14
C VAL A 312 11.45 7.11 23.13
N GLY A 313 11.32 8.34 23.63
CA GLY A 313 11.10 9.48 22.78
C GLY A 313 9.67 9.46 22.28
N PRO A 314 9.07 10.65 22.13
CA PRO A 314 7.69 10.73 21.61
C PRO A 314 7.59 10.77 20.10
N HIS A 315 8.71 10.57 19.39
CA HIS A 315 8.74 10.68 17.93
C HIS A 315 9.33 9.44 17.27
N GLN A 316 9.28 8.30 17.95
CA GLN A 316 9.87 7.07 17.43
C GLN A 316 9.31 5.90 18.22
N ILE A 317 8.87 4.86 17.51
CA ILE A 317 8.45 3.61 18.11
C ILE A 317 9.40 2.52 17.64
N SER A 318 10.04 1.84 18.58
CA SER A 318 10.92 0.74 18.22
C SER A 318 10.17 -0.58 18.40
N TYR A 319 10.58 -1.59 17.64
CA TYR A 319 9.92 -2.88 17.80
C TYR A 319 10.90 -4.02 17.51
N GLN A 320 10.60 -5.17 18.12
CA GLN A 320 11.33 -6.40 17.83
C GLN A 320 10.36 -7.51 17.46
N VAL A 321 10.71 -8.25 16.42
CA VAL A 321 10.07 -9.51 16.07
C VAL A 321 10.94 -10.63 16.66
N TYR A 322 10.34 -11.43 17.53
CA TYR A 322 11.07 -12.35 18.38
C TYR A 322 10.15 -13.47 18.86
N GLN A 323 10.77 -14.50 19.41
CA GLN A 323 10.06 -15.60 20.06
C GLN A 323 10.62 -15.80 21.46
N LYS A 324 9.89 -16.56 22.26
CA LYS A 324 10.10 -16.56 23.70
C LYS A 324 10.63 -17.91 24.19
N ASP A 325 11.07 -17.86 25.44
CA ASP A 325 11.67 -18.87 26.30
C ASP A 325 12.94 -19.51 25.74
N PRO A 326 13.78 -18.77 25.00
CA PRO A 326 15.12 -18.32 25.39
C PRO A 326 15.19 -16.78 25.19
N GLU A 327 14.08 -16.21 24.71
CA GLU A 327 14.06 -14.88 24.10
C GLU A 327 15.04 -14.82 22.93
N LYS A 328 14.62 -15.46 21.84
CA LYS A 328 15.31 -15.36 20.55
C LYS A 328 14.77 -14.16 19.80
N ILE A 329 15.65 -13.27 19.35
CA ILE A 329 15.26 -12.09 18.57
C ILE A 329 15.45 -12.39 17.09
N LEU A 330 14.40 -12.17 16.30
CA LEU A 330 14.46 -12.44 14.87
C LEU A 330 14.89 -11.23 14.06
N TRP A 331 14.27 -10.07 14.30
CA TRP A 331 14.79 -8.84 13.70
C TRP A 331 14.19 -7.63 14.41
N TYR A 332 14.80 -6.48 14.18
CA TYR A 332 14.36 -5.22 14.76
C TYR A 332 13.83 -4.28 13.68
N GLY A 333 13.15 -3.24 14.14
CA GLY A 333 12.70 -2.21 13.21
C GLY A 333 12.22 -0.99 13.97
N LYS A 334 12.10 0.11 13.24
CA LYS A 334 11.65 1.37 13.80
C LYS A 334 10.52 1.93 12.95
N MET A 335 9.70 2.77 13.59
CA MET A 335 8.69 3.58 12.91
C MET A 335 8.83 5.00 13.46
N SER A 336 9.25 5.93 12.60
CA SER A 336 9.51 7.30 13.03
C SER A 336 8.26 8.15 12.90
N ARG A 337 8.23 9.24 13.66
CA ARG A 337 7.15 10.21 13.55
C ARG A 337 7.22 10.93 12.20
N GLN A 338 6.09 11.51 11.81
CA GLN A 338 6.00 12.32 10.60
C GLN A 338 5.94 13.78 11.02
N LYS A 339 6.92 14.57 10.56
CA LYS A 339 7.05 15.95 11.03
C LYS A 339 5.86 16.80 10.65
N LYS A 340 5.24 16.53 9.49
CA LYS A 340 4.10 17.34 9.04
C LYS A 340 2.78 16.84 9.63
N LYS A 341 2.57 15.54 9.66
CA LYS A 341 1.28 14.97 10.04
C LYS A 341 0.95 15.27 11.50
N ALA A 342 -0.34 15.14 11.83
CA ALA A 342 -0.86 15.35 13.17
C ALA A 342 -1.01 14.06 13.95
N GLU A 343 -0.11 13.11 13.72
CA GLU A 343 -0.19 11.82 14.41
C GLU A 343 0.27 11.96 15.85
N ASN A 344 -0.38 11.20 16.73
CA ASN A 344 0.11 11.00 18.09
C ASN A 344 0.87 9.67 18.14
N THR A 345 1.21 9.21 19.35
CA THR A 345 2.04 8.02 19.47
C THR A 345 1.26 6.74 19.24
N CYS A 346 0.00 6.67 19.70
CA CYS A 346 -0.86 5.55 19.36
C CYS A 346 -0.85 5.29 17.85
N ASP A 347 -0.83 6.36 17.07
CA ASP A 347 -0.86 6.22 15.61
C ASP A 347 0.46 5.70 15.08
N ILE A 348 1.59 6.16 15.63
CA ILE A 348 2.87 5.61 15.24
C ILE A 348 2.93 4.12 15.55
N ALA A 349 2.38 3.73 16.69
CA ALA A 349 2.25 2.31 17.02
C ALA A 349 1.48 1.57 15.92
N LEU A 350 0.31 2.08 15.56
CA LEU A 350 -0.50 1.46 14.51
C LEU A 350 0.29 1.30 13.20
N ARG A 351 0.97 2.37 12.76
CA ARG A 351 1.78 2.29 11.56
C ARG A 351 2.86 1.22 11.69
N ALA A 352 3.48 1.13 12.86
CA ALA A 352 4.46 0.07 13.12
C ALA A 352 3.82 -1.30 12.97
N CYS A 353 2.58 -1.47 13.45
CA CYS A 353 1.88 -2.73 13.26
C CYS A 353 1.69 -3.06 11.79
N TYR A 354 1.37 -2.05 10.97
CA TYR A 354 1.27 -2.30 9.53
C TYR A 354 2.59 -2.83 8.98
N LYS A 355 3.69 -2.12 9.28
CA LYS A 355 5.00 -2.54 8.79
C LYS A 355 5.36 -3.94 9.27
N ILE A 356 5.06 -4.25 10.53
CA ILE A 356 5.36 -5.58 11.08
C ILE A 356 4.56 -6.64 10.36
N ARG A 357 3.26 -6.42 10.20
CA ARG A 357 2.40 -7.38 9.50
C ARG A 357 2.97 -7.70 8.12
N GLU A 358 3.40 -6.66 7.39
CA GLU A 358 4.01 -6.91 6.09
C GLU A 358 5.27 -7.77 6.21
N GLU A 359 6.24 -7.29 7.00
CA GLU A 359 7.51 -8.01 7.12
C GLU A 359 7.31 -9.45 7.54
N SER A 360 6.52 -9.67 8.59
CA SER A 360 6.28 -11.02 9.10
C SER A 360 5.69 -11.91 8.03
N ILE A 361 4.66 -11.41 7.32
CA ILE A 361 4.02 -12.25 6.32
C ILE A 361 4.99 -12.62 5.21
N ILE A 362 5.83 -11.67 4.79
CA ILE A 362 6.84 -11.98 3.77
C ILE A 362 7.81 -13.03 4.31
N ARG A 363 8.42 -12.76 5.46
CA ARG A 363 9.57 -13.52 5.92
C ARG A 363 9.18 -14.84 6.60
N ILE A 364 8.15 -14.81 7.42
CA ILE A 364 7.75 -15.97 8.21
C ILE A 364 6.58 -16.71 7.57
N GLY A 365 5.66 -15.98 6.96
CA GLY A 365 4.45 -16.55 6.43
C GLY A 365 3.26 -16.46 7.34
N LYS A 366 3.28 -15.56 8.32
CA LYS A 366 2.19 -15.38 9.26
C LYS A 366 2.41 -14.07 10.01
N GLU A 367 1.42 -13.70 10.82
CA GLU A 367 1.38 -12.50 11.65
C GLU A 367 1.78 -12.82 13.08
N PRO A 368 2.58 -11.97 13.71
CA PRO A 368 2.92 -12.18 15.12
C PRO A 368 1.77 -11.74 16.01
N ARG A 369 1.90 -12.08 17.29
CA ARG A 369 1.07 -11.47 18.31
C ARG A 369 1.66 -10.13 18.66
N TYR A 370 0.82 -9.12 18.75
CA TYR A 370 1.27 -7.75 18.96
C TYR A 370 1.19 -7.38 20.45
N GLU A 371 2.33 -6.98 21.00
CA GLU A 371 2.48 -6.52 22.38
C GLU A 371 2.78 -5.02 22.34
N ILE A 372 1.89 -4.21 22.90
CA ILE A 372 2.05 -2.76 22.90
C ILE A 372 1.90 -2.25 24.32
N PRO A 373 2.76 -1.30 24.79
CA PRO A 373 2.73 -0.65 26.12
C PRO A 373 1.66 0.44 26.25
N THR A 374 0.45 0.00 26.59
CA THR A 374 -0.68 0.90 26.74
C THR A 374 -1.76 0.16 27.49
N SER A 375 -2.55 0.90 28.26
CA SER A 375 -3.76 0.35 28.84
C SER A 375 -4.75 0.01 27.72
N ARG A 376 -5.62 -0.96 28.00
CA ARG A 376 -6.74 -1.20 27.09
C ARG A 376 -7.56 0.07 26.90
N GLU A 377 -7.60 0.93 27.91
CA GLU A 377 -8.37 2.18 27.82
C GLU A 377 -7.75 3.13 26.81
N ALA A 378 -6.49 3.49 27.01
CA ALA A 378 -5.81 4.45 26.13
C ALA A 378 -5.59 3.92 24.71
N TRP A 379 -6.01 2.69 24.41
CA TRP A 379 -5.90 2.12 23.08
C TRP A 379 -7.25 1.95 22.41
N GLU A 380 -8.23 1.41 23.14
CA GLU A 380 -9.57 1.24 22.56
C GLU A 380 -10.26 2.59 22.37
N SER A 381 -9.97 3.56 23.24
CA SER A 381 -10.52 4.90 23.06
C SER A 381 -9.68 5.71 22.07
N ASN A 382 -8.40 5.89 22.36
CA ASN A 382 -7.54 6.71 21.53
C ASN A 382 -7.41 6.12 20.13
N LEU A 383 -7.80 6.92 19.12
CA LEU A 383 -7.43 6.73 17.71
C LEU A 383 -8.17 5.61 17.02
N ILE A 384 -8.94 4.82 17.77
CA ILE A 384 -9.89 3.89 17.18
C ILE A 384 -11.32 4.29 17.52
N ASN A 385 -11.53 5.02 18.61
CA ASN A 385 -12.85 5.51 19.00
C ASN A 385 -12.99 7.02 18.93
N SER A 386 -11.89 7.75 18.74
CA SER A 386 -11.95 9.16 18.39
C SER A 386 -11.48 9.25 16.95
N PRO A 387 -12.28 8.74 16.02
CA PRO A 387 -11.85 8.32 14.68
C PRO A 387 -11.99 9.38 13.58
N TYR A 388 -11.08 10.35 13.57
CA TYR A 388 -11.01 11.27 12.44
C TYR A 388 -11.02 10.48 11.13
N LEU A 389 -10.03 9.63 10.94
CA LEU A 389 -9.94 8.68 9.84
C LEU A 389 -9.89 7.27 10.43
N LYS A 390 -9.92 6.25 9.58
CA LYS A 390 -10.13 4.89 10.05
C LYS A 390 -8.84 4.06 10.07
N ALA A 391 -8.89 2.96 10.83
CA ALA A 391 -7.70 2.22 11.24
C ALA A 391 -7.95 0.71 11.27
N PRO A 392 -7.06 -0.09 10.69
CA PRO A 392 -7.09 -1.56 10.88
C PRO A 392 -6.12 -2.04 11.95
N PRO A 393 -6.46 -1.96 13.24
CA PRO A 393 -5.66 -2.65 14.24
C PRO A 393 -5.95 -4.14 14.23
N PRO A 394 -5.08 -4.96 14.84
CA PRO A 394 -5.47 -6.34 15.17
C PRO A 394 -6.20 -6.38 16.51
N GLU A 395 -6.48 -7.59 17.01
CA GLU A 395 -6.74 -7.76 18.44
C GLU A 395 -5.40 -8.07 19.12
N VAL A 396 -5.17 -7.42 20.26
CA VAL A 396 -3.81 -7.10 20.71
C VAL A 396 -3.60 -7.44 22.18
N GLU A 397 -2.36 -7.78 22.52
CA GLU A 397 -1.93 -7.96 23.91
C GLU A 397 -1.20 -6.71 24.40
N TYR A 398 -1.70 -6.15 25.50
CA TYR A 398 -1.18 -4.92 26.08
C TYR A 398 -0.24 -5.27 27.21
N ILE A 399 0.99 -4.76 27.14
CA ILE A 399 1.98 -4.98 28.19
C ILE A 399 2.25 -3.65 28.88
N HIS A 400 2.84 -3.73 30.06
CA HIS A 400 3.21 -2.55 30.85
C HIS A 400 4.72 -2.44 30.90
N ALA A 401 5.26 -1.33 30.41
CA ALA A 401 6.71 -1.21 30.23
C ALA A 401 7.27 0.03 30.93
N ALA A 402 8.54 0.33 30.67
CA ALA A 402 9.19 1.49 31.29
C ALA A 402 8.42 2.77 30.99
N LEU A 403 8.10 2.99 29.72
CA LEU A 403 7.14 4.02 29.32
C LEU A 403 6.00 3.35 28.57
N ASN A 404 4.85 4.02 28.57
CA ASN A 404 3.67 3.54 27.88
C ASN A 404 3.13 4.64 26.98
N ILE A 405 2.23 4.25 26.08
CA ILE A 405 1.51 5.21 25.25
C ILE A 405 0.26 5.62 26.02
N LYS A 406 0.09 6.93 26.24
CA LYS A 406 -1.05 7.47 26.95
C LYS A 406 -1.98 8.19 25.96
N ARG A 407 -3.21 8.43 26.41
CA ARG A 407 -4.19 9.13 25.59
C ARG A 407 -3.65 10.49 25.16
N ALA A 408 -4.24 11.02 24.08
CA ALA A 408 -3.66 12.17 23.41
C ALA A 408 -3.85 13.45 24.21
N LEU A 409 -5.09 13.84 24.49
CA LEU A 409 -5.36 15.19 24.93
C LEU A 409 -6.48 15.21 25.98
N SER A 410 -6.74 16.42 26.51
CA SER A 410 -7.66 16.66 27.61
C SER A 410 -9.02 17.18 27.17
N MET A 411 -9.28 17.17 25.88
CA MET A 411 -10.56 17.57 25.29
C MET A 411 -11.70 16.65 25.72
N ILE A 412 -12.89 17.21 25.94
CA ILE A 412 -14.07 16.46 26.40
C ILE A 412 -15.17 16.63 25.35
N LYS A 413 -15.37 15.59 24.54
CA LYS A 413 -16.01 15.77 23.23
C LYS A 413 -17.49 16.14 23.35
N ASP A 414 -18.29 15.25 23.91
CA ASP A 414 -19.71 15.52 24.05
C ASP A 414 -19.94 16.47 25.22
N ALA A 415 -21.05 17.25 25.14
CA ALA A 415 -21.48 18.08 26.26
C ALA A 415 -20.44 19.12 26.65
N PRO A 416 -20.31 20.24 25.90
CA PRO A 416 -19.38 21.32 26.29
C PRO A 416 -19.41 21.61 27.79
N ILE A 417 -18.27 22.01 28.34
CA ILE A 417 -18.08 21.92 29.78
C ILE A 417 -19.04 22.89 30.48
N PRO A 418 -19.82 22.42 31.46
CA PRO A 418 -20.69 23.36 32.21
C PRO A 418 -19.87 24.27 33.11
N GLY A 419 -19.97 25.58 32.86
CA GLY A 419 -19.54 26.59 33.81
C GLY A 419 -18.33 27.40 33.41
N ALA A 420 -17.51 26.92 32.48
CA ALA A 420 -16.35 27.69 32.07
C ALA A 420 -16.69 28.61 30.91
N GLU A 421 -15.96 29.71 30.81
CA GLU A 421 -16.35 30.79 29.93
C GLU A 421 -15.95 30.51 28.49
N THR A 422 -16.90 30.75 27.58
CA THR A 422 -16.67 30.51 26.16
C THR A 422 -15.75 31.55 25.57
N TRP A 423 -14.91 31.11 24.64
CA TRP A 423 -14.03 32.01 23.90
C TRP A 423 -14.34 31.93 22.40
N TYR A 424 -13.83 32.93 21.69
CA TYR A 424 -14.04 33.12 20.26
C TYR A 424 -12.77 33.73 19.72
N ILE A 425 -12.39 33.36 18.50
CA ILE A 425 -11.02 33.60 18.13
C ILE A 425 -10.83 33.50 16.62
N ASP A 426 -9.95 34.33 16.06
CA ASP A 426 -9.79 34.36 14.61
C ASP A 426 -8.49 35.06 14.28
N GLY A 427 -8.01 34.84 13.05
CA GLY A 427 -6.79 35.48 12.59
C GLY A 427 -6.67 35.45 11.08
N GLY A 428 -5.58 36.03 10.61
CA GLY A 428 -5.28 36.16 9.20
C GLY A 428 -5.70 37.50 8.63
N ARG A 429 -6.64 37.41 7.68
CA ARG A 429 -7.18 38.51 6.87
C ARG A 429 -6.05 39.43 6.39
N LYS A 430 -5.16 38.83 5.61
CA LYS A 430 -3.98 39.50 5.08
C LYS A 430 -4.37 40.72 4.25
N LEU A 431 -4.08 41.92 4.76
CA LEU A 431 -4.19 43.13 3.95
C LEU A 431 -3.08 43.15 2.91
N GLY A 432 -1.84 43.27 3.37
CA GLY A 432 -0.64 43.04 2.61
C GLY A 432 0.22 42.10 3.42
N LYS A 433 1.42 42.55 3.79
CA LYS A 433 2.19 41.81 4.78
C LYS A 433 1.49 41.78 6.13
N ALA A 434 0.64 42.77 6.41
CA ALA A 434 -0.03 42.85 7.71
C ALA A 434 -1.12 41.80 7.82
N ALA A 435 -0.99 40.91 8.81
CA ALA A 435 -2.03 39.98 9.20
C ALA A 435 -2.20 40.09 10.71
N LYS A 436 -3.38 39.72 11.22
CA LYS A 436 -3.61 39.91 12.65
C LYS A 436 -4.21 38.66 13.27
N ALA A 437 -4.34 38.67 14.59
CA ALA A 437 -4.99 37.58 15.32
C ALA A 437 -5.59 38.15 16.59
N ALA A 438 -6.71 37.56 17.03
CA ALA A 438 -7.45 38.18 18.12
C ALA A 438 -8.41 37.17 18.74
N TYR A 439 -8.95 37.55 19.90
CA TYR A 439 -9.93 36.75 20.62
C TYR A 439 -10.87 37.65 21.42
N TRP A 440 -12.07 37.12 21.68
CA TRP A 440 -13.12 37.74 22.47
C TRP A 440 -13.83 36.65 23.27
N THR A 441 -14.43 36.99 24.40
CA THR A 441 -15.13 36.01 25.21
C THR A 441 -16.49 36.55 25.63
N ASP A 442 -17.31 35.69 26.23
CA ASP A 442 -18.63 36.12 26.67
C ASP A 442 -18.51 37.12 27.81
N THR A 443 -17.70 36.79 28.81
CA THR A 443 -17.15 37.84 29.65
C THR A 443 -16.45 38.86 28.76
N GLY A 444 -16.46 40.11 29.20
CA GLY A 444 -15.97 41.19 28.37
C GLY A 444 -14.63 40.99 27.70
N LYS A 445 -13.73 40.19 28.31
CA LYS A 445 -12.31 40.13 27.96
C LYS A 445 -12.11 40.06 26.45
N TRP A 446 -11.02 40.65 25.97
CA TRP A 446 -10.78 40.69 24.53
C TRP A 446 -9.41 41.25 24.28
N GLN A 447 -8.83 40.86 23.15
CA GLN A 447 -7.50 41.39 22.81
C GLN A 447 -7.18 41.03 21.37
N VAL A 448 -6.35 41.85 20.75
CA VAL A 448 -5.80 41.54 19.44
C VAL A 448 -4.29 41.47 19.54
N MET A 449 -3.72 40.63 18.68
CA MET A 449 -2.32 40.25 18.65
C MET A 449 -1.54 41.03 17.59
N GLU A 450 -2.05 41.08 16.35
CA GLU A 450 -1.47 41.87 15.27
C GLU A 450 -0.04 41.45 14.97
N LEU A 451 0.14 40.15 14.70
CA LEU A 451 1.45 39.51 14.59
C LEU A 451 1.82 39.32 13.12
N GLU A 452 3.02 38.80 12.90
CA GLU A 452 3.44 38.44 11.56
C GLU A 452 3.12 36.98 11.26
N GLY A 453 3.03 36.67 9.96
CA GLY A 453 2.85 35.31 9.51
C GLY A 453 2.06 35.27 8.23
N SER A 454 1.60 34.06 7.88
CA SER A 454 0.63 33.85 6.83
C SER A 454 -0.75 33.68 7.45
N ASN A 455 -1.78 33.62 6.59
CA ASN A 455 -3.15 33.54 7.09
C ASN A 455 -3.36 32.28 7.92
N GLN A 456 -2.75 31.17 7.51
CA GLN A 456 -2.90 29.91 8.22
C GLN A 456 -2.20 29.96 9.57
N LYS A 457 -0.90 30.27 9.56
CA LYS A 457 -0.17 30.46 10.81
C LYS A 457 -0.81 31.54 11.67
N ALA A 458 -1.42 32.55 11.06
CA ALA A 458 -2.13 33.54 11.85
C ALA A 458 -3.38 32.93 12.48
N GLU A 459 -4.01 31.96 11.82
CA GLU A 459 -5.21 31.37 12.40
C GLU A 459 -4.90 30.39 13.52
N ILE A 460 -3.74 29.73 13.48
CA ILE A 460 -3.37 28.92 14.64
C ILE A 460 -2.74 29.79 15.72
N GLN A 461 -1.90 30.75 15.33
CA GLN A 461 -1.36 31.71 16.28
C GLN A 461 -2.44 32.51 16.98
N ALA A 462 -3.62 32.65 16.34
CA ALA A 462 -4.80 33.09 17.08
C ALA A 462 -5.02 32.21 18.29
N LEU A 463 -5.20 30.90 18.06
CA LEU A 463 -5.15 29.91 19.13
C LEU A 463 -3.85 30.10 19.89
N LEU A 464 -3.75 29.54 21.08
CA LEU A 464 -2.61 29.67 21.98
C LEU A 464 -2.60 31.02 22.68
N LEU A 465 -3.44 31.96 22.28
CA LEU A 465 -3.54 33.23 22.97
C LEU A 465 -4.84 33.38 23.72
N ALA A 466 -5.90 32.74 23.22
CA ALA A 466 -7.01 32.41 24.09
C ALA A 466 -6.53 31.52 25.23
N LEU A 467 -5.56 30.64 24.96
CA LEU A 467 -5.18 29.64 25.96
C LEU A 467 -4.10 30.16 26.90
N LYS A 468 -3.09 30.84 26.37
CA LYS A 468 -2.11 31.46 27.26
C LYS A 468 -2.80 32.40 28.24
N ALA A 469 -3.73 33.21 27.74
CA ALA A 469 -4.49 34.15 28.55
C ALA A 469 -5.76 33.56 29.15
N GLY A 470 -6.00 32.26 28.99
CA GLY A 470 -7.24 31.65 29.44
C GLY A 470 -7.14 30.99 30.81
N SER A 471 -8.32 30.60 31.31
CA SER A 471 -8.44 29.83 32.55
C SER A 471 -7.96 28.39 32.34
N GLU A 472 -8.04 27.58 33.39
CA GLU A 472 -7.72 26.17 33.25
C GLU A 472 -8.82 25.39 32.54
N GLU A 473 -10.02 25.95 32.44
CA GLU A 473 -11.13 25.39 31.66
C GLU A 473 -11.57 26.41 30.62
N MET A 474 -12.12 25.91 29.50
CA MET A 474 -12.33 26.76 28.34
C MET A 474 -13.50 26.26 27.49
N ASN A 475 -13.98 27.15 26.63
CA ASN A 475 -14.75 26.81 25.44
C ASN A 475 -14.18 27.66 24.31
N ILE A 476 -13.47 27.05 23.37
CA ILE A 476 -12.97 27.76 22.21
C ILE A 476 -13.88 27.45 21.03
N ILE A 477 -14.20 28.48 20.26
CA ILE A 477 -14.98 28.34 19.04
C ILE A 477 -14.28 29.09 17.92
N THR A 478 -14.07 28.43 16.80
CA THR A 478 -13.27 29.02 15.72
C THR A 478 -13.97 28.82 14.38
N ASP A 479 -13.61 29.68 13.43
CA ASP A 479 -14.13 29.61 12.08
C ASP A 479 -13.10 29.01 11.10
N SER A 480 -12.14 28.25 11.61
CA SER A 480 -11.09 27.66 10.79
C SER A 480 -11.27 26.15 10.76
N GLN A 481 -11.47 25.61 9.55
CA GLN A 481 -11.55 24.16 9.40
C GLN A 481 -10.19 23.51 9.61
N TYR A 482 -9.11 24.23 9.32
CA TYR A 482 -7.77 23.69 9.52
C TYR A 482 -7.53 23.34 10.98
N VAL A 483 -7.68 24.33 11.87
CA VAL A 483 -7.36 24.12 13.27
C VAL A 483 -8.30 23.09 13.90
N ILE A 484 -9.59 23.12 13.54
CA ILE A 484 -10.53 22.15 14.10
C ILE A 484 -10.16 20.74 13.61
N ASN A 485 -9.69 20.62 12.37
CA ASN A 485 -9.31 19.31 11.83
C ASN A 485 -8.12 18.73 12.59
N ILE A 486 -7.03 19.50 12.69
CA ILE A 486 -5.87 19.03 13.44
C ILE A 486 -6.29 18.63 14.85
N ILE A 487 -7.10 19.46 15.51
CA ILE A 487 -7.53 19.13 16.87
C ILE A 487 -8.31 17.81 16.89
N LEU A 488 -9.06 17.52 15.83
CA LEU A 488 -9.81 16.27 15.80
C LEU A 488 -8.95 15.05 15.52
N GLN A 489 -7.76 15.24 14.93
CA GLN A 489 -6.84 14.10 14.81
C GLN A 489 -6.16 13.76 16.14
N GLN A 490 -6.20 14.68 17.11
CA GLN A 490 -5.62 14.50 18.44
C GLN A 490 -4.11 14.25 18.40
N PRO A 491 -3.31 15.18 17.89
CA PRO A 491 -1.85 15.00 17.97
C PRO A 491 -1.35 15.26 19.38
N ASP A 492 -0.21 14.66 19.70
CA ASP A 492 0.41 14.85 21.00
C ASP A 492 1.80 15.46 20.91
N MET A 493 2.31 15.72 19.71
CA MET A 493 3.53 16.49 19.49
C MET A 493 3.62 16.91 18.03
N MET A 494 3.95 18.17 17.76
CA MET A 494 4.01 18.69 16.40
C MET A 494 5.21 19.63 16.31
N GLU A 495 5.30 20.33 15.19
CA GLU A 495 6.42 21.24 14.93
C GLU A 495 5.96 22.69 14.99
N GLY A 496 6.93 23.59 15.16
CA GLY A 496 6.69 25.00 15.02
C GLY A 496 5.73 25.57 16.04
N ILE A 497 4.88 26.48 15.59
CA ILE A 497 3.95 27.16 16.48
C ILE A 497 2.87 26.21 16.96
N TRP A 498 2.45 25.29 16.09
CA TRP A 498 1.60 24.17 16.50
C TRP A 498 2.18 23.43 17.69
N GLN A 499 3.51 23.40 17.81
CA GLN A 499 4.11 22.77 18.98
C GLN A 499 3.79 23.58 20.22
N GLU A 500 3.86 24.91 20.11
CA GLU A 500 3.53 25.73 21.27
C GLU A 500 2.05 25.62 21.63
N VAL A 501 1.13 25.69 20.65
CA VAL A 501 -0.26 25.50 21.01
C VAL A 501 -0.42 24.14 21.72
N LEU A 502 0.22 23.07 21.20
CA LEU A 502 0.17 21.80 21.92
C LEU A 502 0.72 21.96 23.32
N GLU A 503 1.72 22.82 23.47
CA GLU A 503 2.41 23.04 24.74
C GLU A 503 1.58 23.82 25.75
N GLU A 504 0.60 24.59 25.29
CA GLU A 504 -0.32 25.22 26.24
C GLU A 504 -1.45 24.28 26.61
N LEU A 505 -1.86 23.40 25.69
CA LEU A 505 -2.85 22.40 26.09
C LEU A 505 -2.34 21.48 27.19
N GLU A 506 -1.02 21.48 27.49
CA GLU A 506 -0.48 20.79 28.67
C GLU A 506 -1.25 21.13 29.92
N LYS A 507 -1.45 22.43 30.16
CA LYS A 507 -1.70 22.93 31.51
C LYS A 507 -3.15 22.76 31.93
N LYS A 508 -4.05 22.59 30.98
CA LYS A 508 -5.46 22.78 31.28
C LYS A 508 -6.18 21.47 31.56
N THR A 509 -7.32 21.59 32.22
CA THR A 509 -8.11 20.48 32.74
C THR A 509 -9.22 20.05 31.80
N ALA A 510 -9.89 20.99 31.15
CA ALA A 510 -11.00 20.67 30.26
C ALA A 510 -11.12 21.76 29.21
N ILE A 511 -10.87 21.40 27.96
CA ILE A 511 -11.13 22.27 26.82
C ILE A 511 -12.30 21.66 26.05
N PHE A 512 -13.13 22.52 25.46
CA PHE A 512 -14.09 22.10 24.46
C PHE A 512 -13.96 23.07 23.29
N ILE A 513 -13.57 22.55 22.14
CA ILE A 513 -13.40 23.32 20.92
C ILE A 513 -14.52 22.98 19.96
N ASP A 514 -15.02 23.98 19.24
CA ASP A 514 -16.04 23.73 18.23
C ASP A 514 -15.91 24.76 17.11
N TRP A 515 -16.74 24.57 16.09
CA TRP A 515 -16.56 25.24 14.81
C TRP A 515 -17.90 25.77 14.31
N VAL A 516 -17.86 26.96 13.72
CA VAL A 516 -19.03 27.54 13.06
C VAL A 516 -18.59 28.23 11.80
N PRO A 517 -19.49 28.32 10.80
CA PRO A 517 -19.09 28.85 9.49
C PRO A 517 -18.64 30.29 9.58
N GLY A 518 -17.45 30.56 9.06
CA GLY A 518 -16.94 31.91 9.04
C GLY A 518 -17.63 32.77 8.01
N HIS A 519 -17.69 34.07 8.30
CA HIS A 519 -18.14 35.09 7.37
C HIS A 519 -19.63 34.97 7.04
N LYS A 520 -20.42 34.44 7.97
CA LYS A 520 -21.88 34.51 7.90
C LYS A 520 -22.44 35.35 9.05
N GLY A 521 -21.61 36.25 9.59
CA GLY A 521 -22.00 37.15 10.66
C GLY A 521 -22.58 36.45 11.87
N ILE A 522 -21.89 35.43 12.37
CA ILE A 522 -22.38 34.65 13.49
C ILE A 522 -21.96 35.34 14.79
N PRO A 523 -22.85 35.45 15.77
CA PRO A 523 -22.47 36.01 17.07
C PRO A 523 -21.26 35.29 17.65
N GLY A 524 -20.30 36.08 18.13
CA GLY A 524 -19.02 35.57 18.57
C GLY A 524 -17.93 35.66 17.53
N ASN A 525 -18.16 35.09 16.35
CA ASN A 525 -17.16 35.12 15.29
C ASN A 525 -16.97 36.53 14.74
N GLU A 526 -18.04 37.32 14.72
CA GLU A 526 -18.06 38.58 13.98
C GLU A 526 -17.13 39.61 14.61
N GLU A 527 -17.21 39.77 15.94
CA GLU A 527 -16.41 40.79 16.61
C GLU A 527 -14.92 40.47 16.54
N VAL A 528 -14.57 39.19 16.72
CA VAL A 528 -13.16 38.82 16.62
C VAL A 528 -12.67 38.93 15.20
N ASP A 529 -13.57 38.84 14.21
CA ASP A 529 -13.16 39.17 12.85
C ASP A 529 -12.63 40.59 12.74
N LYS A 530 -13.01 41.49 13.66
CA LYS A 530 -12.50 42.84 13.61
C LYS A 530 -11.02 42.82 13.97
N LEU A 531 -10.19 42.64 12.95
CA LEU A 531 -8.76 42.50 13.13
C LEU A 531 -7.99 43.39 12.17
N CYS A 532 -8.67 44.06 11.25
CA CYS A 532 -8.00 44.56 10.05
C CYS A 532 -7.38 45.93 10.25
N SER B 1 -8.59 -27.54 -24.24
CA SER B 1 -10.00 -27.66 -24.60
C SER B 1 -10.61 -26.29 -24.83
N ASP B 2 -10.23 -25.66 -25.95
CA ASP B 2 -10.89 -24.44 -26.40
C ASP B 2 -10.62 -24.16 -27.88
N LYS B 3 -11.69 -24.08 -28.67
CA LYS B 3 -11.64 -23.52 -30.01
C LYS B 3 -12.93 -22.77 -30.24
N ILE B 4 -12.81 -21.47 -30.45
CA ILE B 4 -13.90 -20.56 -30.78
C ILE B 4 -13.20 -19.26 -31.16
N PRO B 5 -13.75 -18.46 -32.08
CA PRO B 5 -13.04 -17.27 -32.55
C PRO B 5 -12.48 -16.40 -31.43
N VAL B 6 -11.24 -15.98 -31.62
CA VAL B 6 -10.54 -15.13 -30.65
C VAL B 6 -11.03 -13.69 -30.83
N VAL B 7 -11.76 -13.17 -29.85
CA VAL B 7 -12.10 -11.75 -29.91
C VAL B 7 -10.81 -10.98 -29.68
N LYS B 8 -10.31 -10.33 -30.73
CA LYS B 8 -9.03 -9.64 -30.65
C LYS B 8 -9.18 -8.32 -29.90
N VAL B 9 -8.17 -7.99 -29.11
CA VAL B 9 -8.29 -7.01 -28.03
C VAL B 9 -7.07 -6.12 -28.02
N LYS B 10 -7.28 -4.82 -27.79
CA LYS B 10 -6.22 -3.83 -27.90
C LYS B 10 -6.12 -2.99 -26.63
N MET B 11 -4.90 -2.56 -26.34
CA MET B 11 -4.63 -1.61 -25.28
C MET B 11 -4.93 -0.18 -25.73
N LYS B 12 -5.12 0.70 -24.75
CA LYS B 12 -5.19 2.13 -25.08
C LYS B 12 -3.84 2.67 -25.49
N ASP B 13 -2.75 1.99 -25.10
CA ASP B 13 -1.40 2.20 -25.60
C ASP B 13 -0.62 0.92 -25.35
N PRO B 14 -0.08 0.29 -26.39
CA PRO B 14 0.77 -0.90 -26.17
C PRO B 14 1.97 -0.63 -25.28
N ASN B 15 2.40 0.63 -25.16
CA ASN B 15 3.53 0.97 -24.32
C ASN B 15 3.15 1.08 -22.84
N LYS B 16 1.88 1.37 -22.53
CA LYS B 16 1.44 1.66 -21.17
C LYS B 16 0.52 0.55 -20.68
N GLY B 17 1.08 -0.39 -19.92
CA GLY B 17 0.33 -1.46 -19.32
C GLY B 17 0.49 -1.47 -17.81
N PRO B 18 -0.03 -2.52 -17.15
CA PRO B 18 -0.07 -2.53 -15.68
C PRO B 18 1.24 -3.05 -15.08
N GLN B 19 1.91 -2.20 -14.33
CA GLN B 19 3.11 -2.59 -13.57
C GLN B 19 2.77 -2.44 -12.09
N ILE B 20 2.17 -3.49 -11.52
CA ILE B 20 1.74 -3.51 -10.13
C ILE B 20 2.46 -4.65 -9.41
N LYS B 21 2.95 -4.35 -8.20
CA LYS B 21 3.71 -5.32 -7.42
C LYS B 21 2.77 -6.23 -6.64
N GLN B 22 3.23 -7.44 -6.39
CA GLN B 22 2.40 -8.49 -5.80
C GLN B 22 2.26 -8.31 -4.29
N TRP B 23 1.06 -8.62 -3.78
CA TRP B 23 0.79 -8.51 -2.35
C TRP B 23 1.55 -9.57 -1.56
N PRO B 24 1.76 -9.35 -0.26
CA PRO B 24 2.25 -10.44 0.59
C PRO B 24 1.14 -11.43 0.89
N LEU B 25 1.49 -12.71 0.85
CA LEU B 25 0.52 -13.78 1.08
C LEU B 25 0.99 -14.67 2.22
N THR B 26 0.01 -15.20 2.97
CA THR B 26 0.28 -16.16 4.03
C THR B 26 0.87 -17.45 3.47
N ASN B 27 1.48 -18.23 4.35
CA ASN B 27 1.81 -19.62 4.04
C ASN B 27 0.62 -20.34 3.43
N GLU B 28 -0.51 -20.33 4.15
CA GLU B 28 -1.71 -21.04 3.72
C GLU B 28 -2.14 -20.60 2.32
N LYS B 29 -2.16 -19.28 2.08
CA LYS B 29 -2.61 -18.76 0.79
C LYS B 29 -1.64 -19.12 -0.33
N ILE B 30 -0.34 -19.18 -0.05
CA ILE B 30 0.61 -19.59 -1.09
C ILE B 30 0.47 -21.08 -1.38
N GLU B 31 0.27 -21.89 -0.35
CA GLU B 31 0.04 -23.31 -0.53
C GLU B 31 -1.16 -23.54 -1.46
N ALA B 32 -2.33 -23.07 -1.02
CA ALA B 32 -3.54 -23.23 -1.82
C ALA B 32 -3.37 -22.63 -3.21
N LEU B 33 -2.71 -21.48 -3.29
CA LEU B 33 -2.60 -20.76 -4.56
C LEU B 33 -1.75 -21.51 -5.56
N THR B 34 -0.54 -21.92 -5.17
CA THR B 34 0.30 -22.67 -6.09
C THR B 34 -0.33 -24.00 -6.48
N GLU B 35 -1.13 -24.60 -5.58
CA GLU B 35 -1.90 -25.77 -6.00
C GLU B 35 -2.87 -25.42 -7.13
N ILE B 36 -3.67 -24.37 -6.94
CA ILE B 36 -4.62 -23.92 -7.96
C ILE B 36 -3.91 -23.66 -9.29
N VAL B 37 -2.91 -22.78 -9.26
CA VAL B 37 -2.23 -22.35 -10.49
C VAL B 37 -1.56 -23.53 -11.18
N GLU B 38 -0.90 -24.39 -10.40
CA GLU B 38 -0.25 -25.55 -11.02
C GLU B 38 -1.27 -26.43 -11.74
N ARG B 39 -2.42 -26.69 -11.09
CA ARG B 39 -3.48 -27.43 -11.79
C ARG B 39 -3.87 -26.72 -13.08
N LEU B 40 -4.08 -25.41 -13.02
CA LEU B 40 -4.58 -24.72 -14.21
C LEU B 40 -3.53 -24.59 -15.32
N GLU B 41 -2.25 -24.74 -15.00
CA GLU B 41 -1.27 -24.89 -16.07
C GLU B 41 -1.22 -26.32 -16.59
N ARG B 42 -1.64 -27.30 -15.78
CA ARG B 42 -1.84 -28.64 -16.32
C ARG B 42 -2.97 -28.65 -17.35
N GLU B 43 -4.10 -28.05 -17.02
CA GLU B 43 -5.25 -27.99 -17.93
C GLU B 43 -5.05 -26.98 -19.07
N GLY B 44 -3.93 -26.28 -19.12
CA GLY B 44 -3.62 -25.37 -20.21
C GLY B 44 -4.24 -23.99 -20.11
N LYS B 45 -4.98 -23.69 -19.05
CA LYS B 45 -5.64 -22.39 -18.94
C LYS B 45 -4.65 -21.25 -18.68
N VAL B 46 -3.45 -21.55 -18.20
CA VAL B 46 -2.41 -20.57 -17.97
C VAL B 46 -1.12 -21.10 -18.59
N LYS B 47 -0.19 -20.20 -18.88
CA LYS B 47 1.10 -20.62 -19.42
C LYS B 47 2.18 -19.67 -18.92
N ARG B 48 3.43 -20.13 -18.99
CA ARG B 48 4.54 -19.34 -18.47
C ARG B 48 4.83 -18.15 -19.39
N ALA B 49 5.30 -17.06 -18.78
CA ALA B 49 5.39 -15.77 -19.43
C ALA B 49 6.73 -15.61 -20.17
N ASP B 50 6.78 -14.59 -21.03
CA ASP B 50 7.97 -14.27 -21.80
C ASP B 50 9.03 -13.62 -20.91
N PRO B 51 10.30 -13.98 -21.07
CA PRO B 51 11.34 -13.43 -20.19
C PRO B 51 11.49 -11.91 -20.25
N ASN B 52 10.96 -11.26 -21.28
CA ASN B 52 11.03 -9.82 -21.40
C ASN B 52 9.69 -9.14 -21.09
N ASN B 53 8.80 -9.82 -20.39
CA ASN B 53 7.48 -9.30 -20.09
C ASN B 53 7.55 -8.33 -18.91
N PRO B 54 7.17 -7.07 -19.08
CA PRO B 54 7.28 -6.08 -17.99
C PRO B 54 6.00 -5.85 -17.18
N TRP B 55 4.95 -6.62 -17.37
CA TRP B 55 3.66 -6.35 -16.74
C TRP B 55 3.41 -7.29 -15.57
N ASN B 56 2.61 -6.83 -14.62
CA ASN B 56 2.16 -7.69 -13.52
C ASN B 56 0.86 -7.15 -12.95
N THR B 57 0.11 -8.06 -12.31
CA THR B 57 -1.22 -7.86 -11.80
C THR B 57 -1.31 -8.70 -10.53
N PRO B 58 -1.82 -8.16 -9.43
CA PRO B 58 -1.81 -8.92 -8.17
C PRO B 58 -2.84 -10.03 -8.15
N VAL B 59 -2.48 -11.12 -7.48
CA VAL B 59 -3.38 -12.23 -7.24
C VAL B 59 -3.43 -12.49 -5.73
N PHE B 60 -4.56 -12.98 -5.27
CA PHE B 60 -4.71 -13.38 -3.88
C PHE B 60 -5.72 -14.52 -3.81
N ALA B 61 -5.99 -14.98 -2.59
CA ALA B 61 -6.87 -16.13 -2.40
C ALA B 61 -7.74 -15.89 -1.19
N ILE B 62 -8.94 -16.48 -1.22
CA ILE B 62 -9.87 -16.36 -0.10
C ILE B 62 -10.42 -17.74 0.23
N LYS B 63 -10.90 -17.86 1.47
CA LYS B 63 -11.53 -19.07 1.97
C LYS B 63 -13.01 -19.01 1.62
N LYS B 64 -13.34 -19.42 0.40
CA LYS B 64 -14.74 -19.67 0.07
C LYS B 64 -15.30 -20.66 1.07
N LYS B 65 -16.46 -20.32 1.64
CA LYS B 65 -17.09 -21.18 2.66
C LYS B 65 -17.13 -22.61 2.16
N SER B 66 -17.03 -23.56 3.11
CA SER B 66 -16.56 -24.94 2.98
C SER B 66 -15.04 -25.06 3.07
N GLY B 67 -14.30 -23.97 3.28
CA GLY B 67 -12.87 -24.02 3.40
C GLY B 67 -12.12 -24.21 2.09
N LYS B 68 -12.80 -24.65 1.03
CA LYS B 68 -12.18 -24.75 -0.28
C LYS B 68 -11.67 -23.37 -0.72
N TRP B 69 -10.40 -23.32 -1.10
CA TRP B 69 -9.76 -22.06 -1.40
C TRP B 69 -10.12 -21.58 -2.81
N ARG B 70 -9.99 -20.28 -3.02
CA ARG B 70 -10.33 -19.68 -4.31
C ARG B 70 -9.32 -18.60 -4.66
N MET B 71 -8.99 -18.52 -5.95
CA MET B 71 -8.05 -17.54 -6.47
C MET B 71 -8.79 -16.36 -7.07
N LEU B 72 -8.52 -15.16 -6.58
CA LEU B 72 -9.02 -13.92 -7.14
C LEU B 72 -7.86 -13.11 -7.69
N ILE B 73 -8.13 -12.32 -8.72
CA ILE B 73 -7.14 -11.45 -9.34
C ILE B 73 -7.64 -10.02 -9.25
N ASP B 74 -6.76 -9.12 -8.81
CA ASP B 74 -7.11 -7.70 -8.75
C ASP B 74 -6.72 -7.07 -10.08
N PHE B 75 -7.68 -7.03 -11.01
CA PHE B 75 -7.45 -6.48 -12.34
C PHE B 75 -7.67 -4.98 -12.43
N ARG B 76 -7.70 -4.28 -11.29
CA ARG B 76 -8.08 -2.88 -11.27
C ARG B 76 -7.24 -2.05 -12.23
N GLU B 77 -5.92 -2.25 -12.22
CA GLU B 77 -5.04 -1.39 -13.02
C GLU B 77 -5.13 -1.72 -14.51
N LEU B 78 -5.09 -3.01 -14.86
CA LEU B 78 -5.20 -3.40 -16.26
C LEU B 78 -6.50 -2.92 -16.88
N ASN B 79 -7.61 -3.12 -16.15
CA ASN B 79 -8.94 -2.79 -16.66
C ASN B 79 -9.02 -1.35 -17.13
N LYS B 80 -8.39 -0.43 -16.40
CA LYS B 80 -8.38 0.97 -16.83
C LYS B 80 -7.71 1.13 -18.17
N LEU B 81 -6.60 0.44 -18.37
CA LEU B 81 -5.70 0.72 -19.47
C LEU B 81 -5.98 -0.11 -20.72
N THR B 82 -6.99 -0.99 -20.70
CA THR B 82 -7.34 -1.63 -21.97
C THR B 82 -8.54 -1.04 -22.72
N GLU B 83 -9.75 -1.32 -22.23
CA GLU B 83 -11.04 -0.91 -22.84
C GLU B 83 -10.99 -0.90 -24.38
N LYS B 84 -10.92 -2.08 -25.01
CA LYS B 84 -11.29 -2.21 -26.40
C LYS B 84 -12.80 -2.49 -26.57
N LEU B 90 -21.40 -4.18 -28.07
CA LEU B 90 -21.87 -5.50 -27.65
C LEU B 90 -22.65 -5.41 -26.35
N GLY B 91 -23.02 -6.56 -25.81
CA GLY B 91 -23.56 -6.68 -24.47
C GLY B 91 -24.96 -7.26 -24.45
N LEU B 92 -25.48 -7.40 -23.23
CA LEU B 92 -26.90 -7.62 -23.00
C LEU B 92 -27.30 -6.64 -21.89
N PRO B 93 -28.15 -5.65 -22.20
CA PRO B 93 -28.12 -4.39 -21.45
C PRO B 93 -28.80 -4.50 -20.09
N HIS B 94 -28.63 -3.42 -19.31
CA HIS B 94 -29.12 -3.36 -17.94
C HIS B 94 -30.62 -3.12 -17.93
N PRO B 95 -31.41 -4.10 -17.47
CA PRO B 95 -32.87 -3.97 -17.52
C PRO B 95 -33.37 -3.08 -16.38
N ALA B 96 -34.17 -2.08 -16.74
CA ALA B 96 -34.74 -1.18 -15.73
C ALA B 96 -35.58 -1.94 -14.71
N GLY B 97 -36.27 -2.99 -15.13
CA GLY B 97 -37.14 -3.72 -14.23
C GLY B 97 -36.43 -4.59 -13.21
N LEU B 98 -35.13 -4.83 -13.40
CA LEU B 98 -34.39 -5.72 -12.50
C LEU B 98 -34.53 -5.27 -11.04
N GLN B 99 -34.49 -3.96 -10.79
CA GLN B 99 -34.52 -3.47 -9.41
C GLN B 99 -35.90 -3.54 -8.77
N ILE B 100 -36.94 -4.00 -9.50
CA ILE B 100 -38.26 -4.10 -8.89
C ILE B 100 -38.80 -5.52 -9.00
N LYS B 101 -37.91 -6.50 -8.94
CA LYS B 101 -38.31 -7.90 -9.05
C LYS B 101 -38.57 -8.50 -7.68
N LYS B 102 -39.51 -9.45 -7.64
CA LYS B 102 -39.82 -10.16 -6.40
C LYS B 102 -38.58 -10.83 -5.82
N GLN B 103 -37.78 -11.46 -6.68
CA GLN B 103 -36.48 -11.94 -6.21
C GLN B 103 -35.48 -11.92 -7.36
N VAL B 104 -34.21 -11.78 -7.00
CA VAL B 104 -33.11 -11.66 -7.96
C VAL B 104 -31.99 -12.57 -7.46
N THR B 105 -31.86 -13.75 -8.05
CA THR B 105 -30.75 -14.64 -7.76
C THR B 105 -29.51 -14.18 -8.52
N VAL B 106 -28.35 -14.25 -7.86
CA VAL B 106 -27.08 -13.94 -8.49
C VAL B 106 -26.21 -15.19 -8.48
N LEU B 107 -25.62 -15.51 -9.63
CA LEU B 107 -24.88 -16.75 -9.83
C LEU B 107 -23.50 -16.43 -10.39
N ASP B 108 -22.48 -17.08 -9.84
CA ASP B 108 -21.14 -16.99 -10.39
C ASP B 108 -21.05 -17.84 -11.64
N ILE B 109 -20.46 -17.28 -12.71
CA ILE B 109 -20.17 -18.13 -13.86
C ILE B 109 -18.71 -18.56 -13.78
N GLY B 110 -17.79 -17.64 -14.07
CA GLY B 110 -16.39 -17.85 -13.75
C GLY B 110 -15.79 -19.03 -14.49
N ASP B 111 -16.39 -20.20 -14.25
CA ASP B 111 -15.83 -21.46 -14.72
C ASP B 111 -15.95 -21.60 -16.24
N ALA B 112 -17.06 -21.15 -16.81
CA ALA B 112 -17.22 -21.22 -18.25
C ALA B 112 -16.13 -20.43 -18.97
N TYR B 113 -15.62 -19.37 -18.34
CA TYR B 113 -14.52 -18.61 -18.91
C TYR B 113 -13.34 -19.50 -19.26
N PHE B 114 -13.14 -20.58 -18.50
CA PHE B 114 -12.01 -21.47 -18.74
C PHE B 114 -12.07 -22.13 -20.11
N THR B 115 -13.24 -22.20 -20.72
CA THR B 115 -13.40 -22.88 -22.01
C THR B 115 -13.24 -21.93 -23.20
N ILE B 116 -12.93 -20.66 -22.98
CA ILE B 116 -12.92 -19.64 -24.01
C ILE B 116 -11.49 -19.13 -24.17
N PRO B 117 -10.97 -19.00 -25.40
CA PRO B 117 -9.60 -18.50 -25.56
C PRO B 117 -9.49 -17.02 -25.31
N LEU B 118 -8.25 -16.52 -25.37
CA LEU B 118 -7.97 -15.10 -25.21
C LEU B 118 -6.95 -14.69 -26.26
N ASP B 119 -7.11 -13.47 -26.78
CA ASP B 119 -6.20 -12.87 -27.76
C ASP B 119 -4.76 -13.00 -27.27
N PRO B 120 -3.94 -13.80 -27.95
CA PRO B 120 -2.55 -14.00 -27.50
C PRO B 120 -1.60 -12.88 -27.87
N ASP B 121 -2.05 -11.85 -28.56
CA ASP B 121 -1.28 -10.62 -28.71
C ASP B 121 -1.55 -9.63 -27.58
N TYR B 122 -2.58 -9.88 -26.78
CA TYR B 122 -2.92 -9.07 -25.63
C TYR B 122 -2.65 -9.76 -24.30
N ALA B 123 -2.71 -11.09 -24.25
CA ALA B 123 -2.46 -11.89 -23.06
C ALA B 123 -1.12 -11.57 -22.37
N PRO B 124 -0.07 -11.17 -23.10
CA PRO B 124 1.15 -10.69 -22.42
C PRO B 124 0.91 -9.67 -21.30
N TYR B 125 -0.19 -8.92 -21.35
CA TYR B 125 -0.46 -7.91 -20.33
C TYR B 125 -1.20 -8.46 -19.12
N THR B 126 -1.77 -9.67 -19.20
CA THR B 126 -2.46 -10.31 -18.09
C THR B 126 -1.51 -10.96 -17.10
N ALA B 127 -0.21 -10.69 -17.19
CA ALA B 127 0.77 -11.42 -16.41
C ALA B 127 0.58 -11.21 -14.92
N PHE B 128 0.80 -12.28 -14.14
CA PHE B 128 0.75 -12.21 -12.70
C PHE B 128 1.85 -13.07 -12.10
N THR B 129 2.45 -12.58 -11.02
CA THR B 129 3.54 -13.27 -10.35
C THR B 129 3.01 -14.21 -9.28
N LEU B 130 3.62 -15.39 -9.18
CA LEU B 130 3.39 -16.33 -8.09
C LEU B 130 4.62 -16.32 -7.18
N PRO B 131 4.51 -15.87 -5.93
CA PRO B 131 5.69 -15.77 -5.06
C PRO B 131 5.88 -17.01 -4.20
N ARG B 132 7.08 -17.11 -3.62
CA ARG B 132 7.40 -18.15 -2.65
C ARG B 132 7.70 -17.52 -1.30
N LYS B 133 7.43 -18.27 -0.23
CA LYS B 133 7.64 -17.78 1.12
C LYS B 133 9.06 -17.29 1.31
N ASN B 134 9.20 -16.11 1.91
CA ASN B 134 10.50 -15.52 2.25
C ASN B 134 11.41 -15.40 1.02
N ASN B 135 10.82 -15.20 -0.16
CA ASN B 135 11.57 -14.95 -1.39
C ASN B 135 12.65 -16.00 -1.63
N ALA B 136 12.32 -17.25 -1.32
CA ALA B 136 13.28 -18.34 -1.44
C ALA B 136 13.71 -18.55 -2.88
N GLY B 137 12.90 -18.14 -3.83
CA GLY B 137 13.28 -18.09 -5.22
C GLY B 137 12.57 -16.94 -5.88
N PRO B 138 12.92 -16.62 -7.13
CA PRO B 138 12.18 -15.59 -7.84
C PRO B 138 10.76 -16.05 -8.10
N GLY B 139 9.86 -15.08 -8.22
CA GLY B 139 8.48 -15.41 -8.52
C GLY B 139 8.36 -16.12 -9.86
N ARG B 140 7.37 -17.00 -9.94
CA ARG B 140 7.08 -17.72 -11.17
C ARG B 140 5.94 -16.99 -11.89
N ARG B 141 6.26 -16.41 -13.04
CA ARG B 141 5.31 -15.57 -13.76
C ARG B 141 4.42 -16.39 -14.69
N PHE B 142 3.29 -15.78 -15.08
CA PHE B 142 2.23 -16.50 -15.76
C PHE B 142 1.40 -15.53 -16.58
N VAL B 143 1.10 -15.90 -17.82
CA VAL B 143 0.15 -15.20 -18.67
C VAL B 143 -1.04 -16.12 -18.92
N TRP B 144 -2.16 -15.51 -19.26
CA TRP B 144 -3.43 -16.21 -19.34
C TRP B 144 -3.69 -16.79 -20.73
N CYS B 145 -4.40 -17.91 -20.74
CA CYS B 145 -4.90 -18.51 -21.97
C CYS B 145 -6.41 -18.56 -22.06
N SER B 146 -7.12 -18.58 -20.92
CA SER B 146 -8.56 -18.54 -20.90
C SER B 146 -9.06 -17.10 -20.86
N LEU B 147 -10.37 -16.95 -20.83
CA LEU B 147 -10.94 -15.69 -20.38
C LEU B 147 -10.63 -15.56 -18.90
N PRO B 148 -9.93 -14.52 -18.46
CA PRO B 148 -9.61 -14.39 -17.04
C PRO B 148 -10.77 -13.79 -16.27
N GLN B 149 -11.06 -14.38 -15.11
CA GLN B 149 -12.11 -13.88 -14.25
C GLN B 149 -11.71 -12.53 -13.66
N GLY B 150 -12.69 -11.64 -13.55
CA GLY B 150 -12.43 -10.29 -13.10
C GLY B 150 -11.85 -9.37 -14.15
N TRP B 151 -11.70 -9.83 -15.39
CA TRP B 151 -11.26 -8.97 -16.47
C TRP B 151 -12.44 -8.16 -17.01
N ILE B 152 -12.13 -6.97 -17.53
CA ILE B 152 -13.19 -6.01 -17.86
C ILE B 152 -13.95 -6.44 -19.10
N LEU B 153 -13.25 -6.95 -20.12
CA LEU B 153 -13.85 -7.23 -21.41
C LEU B 153 -14.36 -8.67 -21.53
N SER B 154 -14.34 -9.43 -20.44
CA SER B 154 -14.79 -10.81 -20.46
C SER B 154 -16.31 -10.94 -20.48
N PRO B 155 -17.08 -10.12 -19.74
CA PRO B 155 -18.53 -10.18 -19.90
C PRO B 155 -18.98 -9.98 -21.33
N LEU B 156 -18.27 -9.15 -22.10
CA LEU B 156 -18.57 -8.99 -23.51
C LEU B 156 -18.20 -10.24 -24.29
N ILE B 157 -16.91 -10.61 -24.27
CA ILE B 157 -16.43 -11.75 -25.04
C ILE B 157 -17.16 -13.02 -24.65
N TYR B 158 -17.56 -13.14 -23.39
CA TYR B 158 -18.39 -14.29 -23.00
C TYR B 158 -19.78 -14.19 -23.64
N GLN B 159 -20.46 -13.05 -23.45
CA GLN B 159 -21.84 -12.93 -23.90
C GLN B 159 -21.95 -13.08 -25.40
N SER B 160 -21.00 -12.50 -26.14
CA SER B 160 -21.02 -12.63 -27.60
C SER B 160 -20.63 -14.02 -28.06
N THR B 161 -19.92 -14.78 -27.22
CA THR B 161 -19.54 -16.13 -27.61
C THR B 161 -20.70 -17.10 -27.43
N LEU B 162 -21.51 -16.91 -26.38
CA LEU B 162 -22.69 -17.70 -26.15
C LEU B 162 -23.96 -16.98 -26.59
N ASP B 163 -23.83 -16.03 -27.53
CA ASP B 163 -24.98 -15.27 -28.04
C ASP B 163 -26.05 -16.21 -28.57
N ASN B 164 -25.65 -17.17 -29.40
CA ASN B 164 -26.58 -18.02 -30.15
C ASN B 164 -27.37 -18.96 -29.27
N ILE B 165 -26.86 -19.29 -28.08
CA ILE B 165 -27.61 -20.13 -27.17
C ILE B 165 -28.29 -19.32 -26.06
N ILE B 166 -27.83 -18.10 -25.79
CA ILE B 166 -28.42 -17.34 -24.70
C ILE B 166 -29.63 -16.56 -25.16
N GLN B 167 -29.58 -15.87 -26.31
CA GLN B 167 -30.69 -14.96 -26.62
C GLN B 167 -31.99 -15.70 -26.94
N PRO B 168 -31.95 -16.94 -27.50
CA PRO B 168 -33.13 -17.81 -27.45
C PRO B 168 -33.79 -17.82 -26.08
N PHE B 169 -33.03 -18.11 -25.02
CA PHE B 169 -33.63 -18.25 -23.70
C PHE B 169 -34.12 -16.94 -23.08
N ILE B 170 -33.90 -15.78 -23.71
CA ILE B 170 -34.50 -14.55 -23.20
C ILE B 170 -35.70 -14.13 -24.04
N ARG B 171 -35.66 -14.33 -25.36
CA ARG B 171 -36.88 -14.02 -26.10
C ARG B 171 -38.02 -14.96 -25.72
N GLN B 172 -37.72 -16.22 -25.41
CA GLN B 172 -38.61 -17.04 -24.60
C GLN B 172 -38.29 -16.78 -23.13
N ASN B 173 -39.30 -16.93 -22.29
CA ASN B 173 -39.25 -16.47 -20.91
C ASN B 173 -38.89 -14.98 -20.83
N PRO B 174 -39.70 -14.10 -21.42
CA PRO B 174 -39.45 -12.66 -21.25
C PRO B 174 -39.98 -12.10 -19.94
N GLN B 175 -40.48 -12.96 -19.06
CA GLN B 175 -40.85 -12.57 -17.71
C GLN B 175 -39.65 -12.49 -16.77
N LEU B 176 -38.44 -12.75 -17.28
CA LEU B 176 -37.21 -12.66 -16.52
C LEU B 176 -36.37 -11.49 -17.00
N ASP B 177 -35.73 -10.81 -16.06
CA ASP B 177 -34.78 -9.74 -16.35
C ASP B 177 -33.38 -10.24 -16.03
N ILE B 178 -32.55 -10.36 -17.06
CA ILE B 178 -31.23 -10.97 -16.96
C ILE B 178 -30.18 -9.88 -17.17
N TYR B 179 -29.13 -9.90 -16.35
CA TYR B 179 -28.04 -8.96 -16.50
C TYR B 179 -26.74 -9.67 -16.11
N GLN B 180 -25.61 -9.13 -16.56
CA GLN B 180 -24.31 -9.69 -16.15
C GLN B 180 -23.37 -8.56 -15.77
N TYR B 181 -22.93 -8.56 -14.52
CA TYR B 181 -21.78 -7.76 -14.15
C TYR B 181 -20.57 -8.68 -14.06
N MET B 182 -19.45 -8.15 -13.58
CA MET B 182 -18.12 -8.59 -14.01
C MET B 182 -18.05 -10.08 -14.33
N ASP B 183 -18.36 -10.93 -13.36
CA ASP B 183 -18.39 -12.37 -13.60
C ASP B 183 -19.65 -13.02 -13.04
N ASP B 184 -20.63 -12.23 -12.61
CA ASP B 184 -21.85 -12.76 -12.00
C ASP B 184 -23.05 -12.40 -12.84
N ILE B 185 -23.96 -13.37 -12.97
CA ILE B 185 -25.21 -13.24 -13.71
C ILE B 185 -26.33 -13.00 -12.72
N TYR B 186 -27.20 -12.04 -13.05
CA TYR B 186 -28.30 -11.60 -12.21
C TYR B 186 -29.61 -11.99 -12.90
N ILE B 187 -30.33 -12.93 -12.27
CA ILE B 187 -31.59 -13.47 -12.75
C ILE B 187 -32.69 -12.91 -11.87
N GLY B 188 -33.49 -11.99 -12.38
CA GLY B 188 -34.57 -11.39 -11.63
C GLY B 188 -35.91 -11.86 -12.17
N SER B 189 -36.83 -12.17 -11.26
CA SER B 189 -38.16 -12.59 -11.67
C SER B 189 -39.17 -12.28 -10.57
N ASN B 190 -40.45 -12.33 -10.99
CA ASN B 190 -41.60 -12.20 -10.10
C ASN B 190 -42.41 -13.50 -10.04
N LEU B 191 -41.81 -14.61 -10.43
CA LEU B 191 -42.46 -15.91 -10.28
C LEU B 191 -42.33 -16.37 -8.83
N SER B 192 -43.11 -17.39 -8.48
CA SER B 192 -43.03 -17.95 -7.15
C SER B 192 -41.67 -18.61 -6.94
N LYS B 193 -41.29 -18.77 -5.67
CA LYS B 193 -39.99 -19.33 -5.32
C LYS B 193 -39.73 -20.64 -6.05
N LYS B 194 -40.78 -21.44 -6.25
CA LYS B 194 -40.62 -22.74 -6.91
C LYS B 194 -40.18 -22.57 -8.36
N GLU B 195 -41.02 -21.93 -9.18
CA GLU B 195 -40.70 -21.83 -10.60
C GLU B 195 -39.52 -20.89 -10.86
N HIS B 196 -39.27 -19.93 -9.97
CA HIS B 196 -38.03 -19.17 -10.05
C HIS B 196 -36.83 -20.08 -9.91
N LYS B 197 -36.80 -20.88 -8.83
CA LYS B 197 -35.73 -21.87 -8.66
C LYS B 197 -35.63 -22.79 -9.87
N GLU B 198 -36.77 -23.13 -10.46
CA GLU B 198 -36.78 -23.98 -11.64
C GLU B 198 -36.03 -23.32 -12.80
N LYS B 199 -36.49 -22.14 -13.24
CA LYS B 199 -35.88 -21.51 -14.41
C LYS B 199 -34.42 -21.17 -14.16
N VAL B 200 -34.06 -20.82 -12.92
CA VAL B 200 -32.65 -20.55 -12.64
C VAL B 200 -31.84 -21.84 -12.77
N GLU B 201 -32.41 -22.98 -12.37
CA GLU B 201 -31.74 -24.26 -12.62
C GLU B 201 -31.52 -24.49 -14.11
N GLU B 202 -32.59 -24.31 -14.90
CA GLU B 202 -32.49 -24.44 -16.35
C GLU B 202 -31.34 -23.61 -16.92
N LEU B 203 -31.27 -22.34 -16.53
CA LEU B 203 -30.22 -21.49 -17.08
C LEU B 203 -28.84 -21.87 -16.56
N ARG B 204 -28.75 -22.45 -15.37
CA ARG B 204 -27.46 -22.96 -14.93
C ARG B 204 -26.98 -24.08 -15.84
N LYS B 205 -27.85 -25.06 -16.11
CA LYS B 205 -27.43 -26.12 -17.01
C LYS B 205 -27.29 -25.66 -18.47
N LEU B 206 -27.84 -24.50 -18.81
CA LEU B 206 -27.64 -23.99 -20.17
C LEU B 206 -26.18 -23.60 -20.40
N LEU B 207 -25.55 -22.95 -19.43
CA LEU B 207 -24.16 -22.56 -19.54
C LEU B 207 -23.20 -23.64 -19.03
N LEU B 208 -23.71 -24.85 -18.78
CA LEU B 208 -22.89 -26.02 -18.59
C LEU B 208 -22.69 -26.70 -19.94
N TRP B 209 -21.93 -26.02 -20.79
CA TRP B 209 -21.83 -26.38 -22.21
C TRP B 209 -20.39 -26.62 -22.64
N PRO B 215 -28.35 -22.37 -7.20
CA PRO B 215 -28.92 -21.05 -6.88
C PRO B 215 -28.52 -20.60 -5.47
N GLU B 216 -27.41 -19.86 -5.36
CA GLU B 216 -26.76 -19.65 -4.05
C GLU B 216 -27.26 -18.38 -3.36
N ASP B 217 -27.00 -17.23 -3.96
CA ASP B 217 -27.27 -15.94 -3.36
C ASP B 217 -28.50 -15.34 -4.04
N LYS B 218 -29.41 -14.78 -3.23
CA LYS B 218 -30.70 -14.36 -3.76
C LYS B 218 -31.16 -13.13 -2.99
N LEU B 219 -31.24 -12.00 -3.67
CA LEU B 219 -31.64 -10.73 -3.08
C LEU B 219 -33.10 -10.44 -3.34
N GLN B 220 -33.68 -9.59 -2.49
CA GLN B 220 -35.04 -9.08 -2.66
C GLN B 220 -34.96 -7.57 -2.39
N GLU B 221 -34.61 -6.90 -3.66
CA GLU B 221 -34.36 -5.46 -3.51
C GLU B 221 -35.68 -4.68 -3.46
N GLU B 222 -37.36 -4.54 -2.89
CA GLU B 222 -38.28 -4.08 -1.86
C GLU B 222 -37.64 -4.11 -0.49
N THR B 236 -37.19 -4.88 0.27
CA THR B 236 -36.79 -4.63 1.64
C THR B 236 -35.65 -3.62 1.76
N TRP B 237 -35.17 -3.08 0.64
CA TRP B 237 -34.16 -2.02 0.66
C TRP B 237 -34.86 -0.70 0.94
N THR B 238 -34.74 -0.22 2.18
CA THR B 238 -35.40 1.00 2.58
C THR B 238 -34.72 2.22 1.96
N ILE B 239 -35.30 3.39 2.23
CA ILE B 239 -34.61 4.66 2.20
C ILE B 239 -34.44 5.07 3.66
N GLN B 240 -33.28 5.62 4.00
CA GLN B 240 -32.91 5.72 5.41
C GLN B 240 -33.55 6.93 6.07
N GLN B 241 -33.98 7.90 5.27
CA GLN B 241 -34.82 9.00 5.74
C GLN B 241 -34.07 9.86 6.76
N LYS B 242 -33.05 10.56 6.22
CA LYS B 242 -32.24 11.48 7.01
C LYS B 242 -33.13 12.44 7.80
N GLN B 243 -32.69 12.79 9.01
CA GLN B 243 -33.42 13.70 9.88
C GLN B 243 -32.50 14.82 10.36
N LEU B 244 -33.10 16.00 10.53
CA LEU B 244 -32.43 17.15 11.14
C LEU B 244 -33.10 17.40 12.48
N ASP B 245 -32.46 16.95 13.55
CA ASP B 245 -33.03 17.06 14.88
C ASP B 245 -33.06 18.53 15.33
N ILE B 246 -34.20 18.97 15.82
CA ILE B 246 -34.38 20.35 16.29
C ILE B 246 -34.75 20.32 17.76
N PRO B 247 -33.86 20.75 18.65
CA PRO B 247 -34.18 20.71 20.08
C PRO B 247 -35.16 21.79 20.48
N GLU B 248 -35.95 21.50 21.51
CA GLU B 248 -36.93 22.45 21.98
C GLU B 248 -36.27 23.62 22.69
N GLN B 249 -35.51 23.34 23.75
CA GLN B 249 -34.79 24.32 24.56
C GLN B 249 -33.33 24.26 24.16
N PRO B 250 -32.90 24.98 23.14
CA PRO B 250 -31.53 24.83 22.68
C PRO B 250 -30.56 25.69 23.49
N THR B 251 -29.28 25.37 23.34
CA THR B 251 -28.18 26.17 23.86
C THR B 251 -27.51 26.88 22.69
N LEU B 252 -26.64 27.83 23.01
CA LEU B 252 -25.95 28.52 21.93
C LEU B 252 -25.22 27.53 21.03
N ASN B 253 -24.58 26.50 21.60
CA ASN B 253 -23.79 25.58 20.79
C ASN B 253 -24.67 24.67 19.94
N GLU B 254 -25.77 24.16 20.50
CA GLU B 254 -26.72 23.38 19.70
C GLU B 254 -27.14 24.14 18.44
N LEU B 255 -27.32 25.45 18.56
CA LEU B 255 -27.71 26.28 17.43
C LEU B 255 -26.55 26.64 16.51
N GLN B 256 -25.31 26.65 17.02
CA GLN B 256 -24.16 26.80 16.14
C GLN B 256 -23.91 25.56 15.30
N LYS B 257 -24.19 24.40 15.86
CA LYS B 257 -24.22 23.17 15.07
C LYS B 257 -25.37 23.20 14.06
N LEU B 258 -26.56 23.53 14.54
CA LEU B 258 -27.72 23.72 13.65
C LEU B 258 -27.38 24.66 12.50
N ALA B 259 -26.73 25.78 12.83
CA ALA B 259 -26.38 26.79 11.83
C ALA B 259 -25.39 26.23 10.82
N GLY B 260 -24.27 25.70 11.30
CA GLY B 260 -23.29 25.14 10.38
C GLY B 260 -23.87 24.09 9.48
N LYS B 261 -24.72 23.22 10.03
CA LYS B 261 -25.34 22.17 9.23
C LYS B 261 -26.23 22.75 8.13
N ILE B 262 -27.03 23.76 8.46
CA ILE B 262 -27.93 24.31 7.44
C ILE B 262 -27.17 25.14 6.42
N ASN B 263 -26.16 25.89 6.86
CA ASN B 263 -25.26 26.56 5.93
C ASN B 263 -24.60 25.57 4.99
N TRP B 264 -24.35 24.35 5.46
CA TRP B 264 -23.86 23.30 4.59
C TRP B 264 -24.92 22.89 3.57
N ALA B 265 -26.15 22.65 4.04
CA ALA B 265 -27.22 22.26 3.11
C ALA B 265 -27.44 23.30 2.02
N SER B 266 -27.31 24.58 2.37
CA SER B 266 -27.58 25.65 1.42
C SER B 266 -26.53 25.72 0.31
N GLN B 267 -25.44 24.97 0.40
CA GLN B 267 -24.44 24.99 -0.67
C GLN B 267 -24.92 24.27 -1.91
N ALA B 268 -25.85 23.33 -1.78
CA ALA B 268 -26.42 22.62 -2.91
C ALA B 268 -27.94 22.65 -2.98
N ILE B 269 -28.63 22.97 -1.89
CA ILE B 269 -30.08 23.13 -1.87
C ILE B 269 -30.40 24.62 -2.01
N PRO B 270 -31.28 25.02 -2.92
CA PRO B 270 -31.63 26.44 -3.07
C PRO B 270 -32.60 26.95 -2.00
N ASP B 271 -32.59 28.27 -1.82
CA ASP B 271 -33.52 28.98 -0.90
C ASP B 271 -33.41 28.44 0.52
N LEU B 272 -32.18 28.31 1.04
CA LEU B 272 -32.00 28.08 2.47
C LEU B 272 -31.26 29.26 3.06
N SER B 273 -31.59 29.59 4.30
CA SER B 273 -31.03 30.75 4.96
C SER B 273 -30.72 30.39 6.41
N ILE B 274 -29.72 31.05 6.97
CA ILE B 274 -29.46 30.95 8.41
C ILE B 274 -29.52 32.33 9.08
N LYS B 275 -30.10 33.32 8.41
CA LYS B 275 -30.03 34.71 8.90
C LYS B 275 -30.89 34.91 10.14
N ALA B 276 -32.16 34.50 10.09
CA ALA B 276 -33.08 34.74 11.19
C ALA B 276 -32.55 34.13 12.49
N LEU B 277 -32.14 32.86 12.44
CA LEU B 277 -31.53 32.24 13.61
C LEU B 277 -30.14 32.76 13.86
N THR B 278 -29.46 33.29 12.84
CA THR B 278 -28.17 33.94 13.06
C THR B 278 -28.31 35.03 14.12
N ASN B 279 -29.31 35.91 13.96
CA ASN B 279 -29.50 36.87 15.03
C ASN B 279 -30.48 36.41 16.10
N MET B 280 -31.04 35.20 15.99
CA MET B 280 -31.69 34.57 17.14
C MET B 280 -30.66 34.02 18.12
N MET B 281 -29.42 33.83 17.68
CA MET B 281 -28.32 33.39 18.53
C MET B 281 -27.62 34.55 19.23
N ARG B 282 -28.24 35.72 19.27
CA ARG B 282 -27.62 36.90 19.88
C ARG B 282 -28.09 37.05 21.31
N GLY B 283 -27.16 37.38 22.18
CA GLY B 283 -27.34 37.40 23.62
C GLY B 283 -26.01 37.13 24.30
N ASN B 284 -26.08 36.48 25.46
CA ASN B 284 -24.86 36.05 26.12
C ASN B 284 -24.27 34.87 25.36
N GLN B 285 -22.94 34.88 25.21
CA GLN B 285 -22.26 34.00 24.27
C GLN B 285 -21.61 32.79 24.95
N ASN B 286 -22.05 32.43 26.16
CA ASN B 286 -21.64 31.17 26.76
C ASN B 286 -22.39 30.02 26.08
N LEU B 287 -21.65 28.99 25.66
CA LEU B 287 -22.25 27.86 24.96
C LEU B 287 -23.37 27.21 25.77
N ASN B 288 -23.40 27.45 27.07
CA ASN B 288 -24.42 26.87 27.94
C ASN B 288 -25.66 27.75 28.03
N SER B 289 -25.61 28.97 27.52
CA SER B 289 -26.77 29.86 27.56
C SER B 289 -27.87 29.33 26.65
N THR B 290 -29.11 29.44 27.10
CA THR B 290 -30.25 29.01 26.31
C THR B 290 -30.78 30.14 25.43
N ARG B 291 -31.62 29.77 24.48
CA ARG B 291 -32.45 30.69 23.74
C ARG B 291 -33.87 30.14 23.73
N GLN B 292 -34.84 31.04 23.65
CA GLN B 292 -36.23 30.67 23.39
C GLN B 292 -36.53 30.90 21.92
N TRP B 293 -37.40 30.07 21.36
CA TRP B 293 -37.61 30.06 19.92
C TRP B 293 -38.46 31.26 19.49
N THR B 294 -37.90 32.09 18.62
CA THR B 294 -38.69 33.11 17.94
C THR B 294 -39.59 32.42 16.91
N LYS B 295 -40.33 33.22 16.14
CA LYS B 295 -41.20 32.66 15.11
C LYS B 295 -40.57 32.72 13.72
N GLU B 296 -39.84 33.79 13.41
CA GLU B 296 -39.19 33.89 12.11
C GLU B 296 -38.11 32.82 11.96
N ALA B 297 -37.31 32.61 13.01
CA ALA B 297 -36.24 31.63 12.95
C ALA B 297 -36.76 30.20 13.01
N ARG B 298 -37.78 29.94 13.83
CA ARG B 298 -38.36 28.60 13.90
C ARG B 298 -38.90 28.18 12.53
N LEU B 299 -39.51 29.11 11.82
CA LEU B 299 -40.04 28.81 10.49
C LEU B 299 -38.93 28.61 9.47
N GLU B 300 -37.91 29.47 9.50
CA GLU B 300 -36.74 29.26 8.64
C GLU B 300 -36.14 27.87 8.87
N VAL B 301 -36.03 27.47 10.15
CA VAL B 301 -35.51 26.15 10.50
C VAL B 301 -36.40 25.06 9.90
N GLN B 302 -37.73 25.23 9.96
CA GLN B 302 -38.61 24.23 9.39
C GLN B 302 -38.42 24.12 7.88
N LYS B 303 -38.26 25.26 7.20
CA LYS B 303 -38.00 25.24 5.76
C LYS B 303 -36.75 24.43 5.45
N ALA B 304 -35.67 24.64 6.20
CA ALA B 304 -34.46 23.86 5.96
C ALA B 304 -34.70 22.38 6.25
N LYS B 305 -35.40 22.07 7.34
CA LYS B 305 -35.64 20.68 7.73
C LYS B 305 -36.34 19.90 6.63
N LYS B 306 -37.49 20.41 6.17
CA LYS B 306 -38.18 19.69 5.10
C LYS B 306 -37.44 19.80 3.77
N ALA B 307 -36.57 20.79 3.60
CA ALA B 307 -35.72 20.81 2.42
C ALA B 307 -34.72 19.67 2.43
N ILE B 308 -34.23 19.27 3.61
CA ILE B 308 -33.22 18.22 3.68
C ILE B 308 -33.83 16.84 3.67
N GLU B 309 -34.96 16.63 4.36
CA GLU B 309 -35.55 15.30 4.32
C GLU B 309 -35.81 14.86 2.87
N GLU B 310 -36.43 15.74 2.08
CA GLU B 310 -36.79 15.35 0.72
C GLU B 310 -35.62 15.47 -0.27
N GLN B 311 -34.41 15.75 0.20
CA GLN B 311 -33.29 15.96 -0.72
C GLN B 311 -32.94 14.70 -1.50
N VAL B 312 -33.02 13.54 -0.86
CA VAL B 312 -32.57 12.30 -1.48
C VAL B 312 -33.50 11.94 -2.63
N GLN B 313 -32.94 11.87 -3.83
CA GLN B 313 -33.73 11.59 -5.04
C GLN B 313 -32.86 10.86 -6.03
N LEU B 314 -33.18 9.59 -6.29
CA LEU B 314 -32.45 8.81 -7.28
C LEU B 314 -32.79 9.27 -8.70
N GLY B 315 -33.98 9.80 -8.92
CA GLY B 315 -34.39 10.27 -10.23
C GLY B 315 -33.47 11.31 -10.85
N TYR B 316 -32.55 11.86 -10.06
CA TYR B 316 -31.60 12.85 -10.52
C TYR B 316 -30.32 12.23 -11.07
N TYR B 317 -30.28 10.93 -11.28
CA TYR B 317 -29.06 10.29 -11.77
C TYR B 317 -28.78 10.71 -13.21
N ASP B 318 -27.52 11.05 -13.48
CA ASP B 318 -27.05 11.48 -14.80
C ASP B 318 -26.08 10.45 -15.35
N PRO B 319 -26.47 9.66 -16.36
CA PRO B 319 -25.59 8.60 -16.86
C PRO B 319 -24.31 9.08 -17.54
N SER B 320 -24.09 10.39 -17.66
CA SER B 320 -22.90 10.90 -18.31
C SER B 320 -21.83 11.38 -17.33
N LYS B 321 -22.19 11.60 -16.07
CA LYS B 321 -21.24 12.01 -15.04
C LYS B 321 -20.71 10.78 -14.29
N GLU B 322 -19.64 11.00 -13.54
CA GLU B 322 -19.10 9.94 -12.70
C GLU B 322 -19.97 9.76 -11.47
N LEU B 323 -20.14 8.51 -11.06
CA LEU B 323 -20.92 8.15 -9.88
C LEU B 323 -19.99 8.01 -8.68
N TYR B 324 -20.42 8.52 -7.52
CA TYR B 324 -19.58 8.49 -6.34
C TYR B 324 -20.34 7.93 -5.15
N ALA B 325 -19.60 7.32 -4.23
CA ALA B 325 -20.11 6.90 -2.93
C ALA B 325 -19.13 7.36 -1.86
N LYS B 326 -19.60 8.13 -0.90
CA LYS B 326 -18.73 8.68 0.13
C LYS B 326 -19.09 8.06 1.46
N LEU B 327 -18.06 7.66 2.21
CA LEU B 327 -18.25 7.04 3.51
C LEU B 327 -17.71 7.93 4.63
N SER B 328 -18.33 7.84 5.80
CA SER B 328 -17.91 8.54 7.00
C SER B 328 -18.17 7.63 8.20
N LEU B 329 -17.31 7.75 9.21
CA LEU B 329 -17.47 6.99 10.45
C LEU B 329 -18.25 7.88 11.42
N VAL B 330 -19.55 7.62 11.52
CA VAL B 330 -20.45 8.49 12.32
C VAL B 330 -20.41 7.95 13.75
N GLY B 331 -19.38 8.34 14.48
CA GLY B 331 -19.11 7.76 15.77
C GLY B 331 -18.63 6.33 15.64
N PRO B 332 -18.34 5.68 16.76
CA PRO B 332 -17.76 4.33 16.71
C PRO B 332 -18.77 3.29 16.27
N HIS B 333 -18.25 2.25 15.61
CA HIS B 333 -18.98 1.04 15.25
C HIS B 333 -19.99 1.24 14.12
N GLN B 334 -19.87 2.29 13.30
CA GLN B 334 -20.92 2.56 12.32
C GLN B 334 -20.43 3.43 11.18
N ILE B 335 -20.62 2.96 9.95
CA ILE B 335 -20.30 3.75 8.76
C ILE B 335 -21.60 4.24 8.13
N SER B 336 -21.61 5.50 7.72
CA SER B 336 -22.68 6.05 6.91
C SER B 336 -22.14 6.43 5.55
N TYR B 337 -22.92 6.17 4.50
CA TYR B 337 -22.47 6.47 3.16
C TYR B 337 -23.59 7.11 2.35
N GLN B 338 -23.19 7.92 1.37
CA GLN B 338 -24.12 8.51 0.42
C GLN B 338 -23.61 8.22 -0.99
N VAL B 339 -24.46 7.61 -1.81
CA VAL B 339 -24.19 7.48 -3.24
C VAL B 339 -24.84 8.68 -3.93
N TYR B 340 -24.03 9.42 -4.67
CA TYR B 340 -24.33 10.78 -5.08
C TYR B 340 -23.48 11.14 -6.29
N GLN B 341 -23.77 12.31 -6.86
CA GLN B 341 -23.04 12.86 -7.99
C GLN B 341 -22.70 14.32 -7.74
N LYS B 342 -21.58 14.75 -8.34
CA LYS B 342 -20.94 16.07 -8.26
C LYS B 342 -21.62 17.09 -9.20
N ASP B 343 -20.86 17.99 -9.81
CA ASP B 343 -21.04 19.46 -9.82
C ASP B 343 -22.38 20.06 -9.33
N PRO B 344 -23.57 19.68 -9.87
CA PRO B 344 -24.76 19.83 -9.03
C PRO B 344 -24.86 18.64 -8.10
N GLU B 345 -24.59 18.86 -6.82
CA GLU B 345 -24.54 17.76 -5.87
C GLU B 345 -25.94 17.20 -5.65
N LYS B 346 -26.17 15.96 -6.12
CA LYS B 346 -27.46 15.29 -5.97
C LYS B 346 -27.26 13.95 -5.29
N ILE B 347 -27.82 13.81 -4.09
CA ILE B 347 -27.73 12.58 -3.32
C ILE B 347 -28.71 11.57 -3.92
N LEU B 348 -28.20 10.42 -4.33
CA LEU B 348 -29.06 9.41 -4.93
C LEU B 348 -29.63 8.45 -3.89
N TRP B 349 -28.81 7.99 -2.94
CA TRP B 349 -29.38 7.31 -1.78
C TRP B 349 -28.34 7.27 -0.66
N TYR B 350 -28.82 6.92 0.53
CA TYR B 350 -28.02 6.86 1.74
C TYR B 350 -27.92 5.42 2.22
N GLY B 351 -27.10 5.20 3.24
CA GLY B 351 -27.03 3.88 3.84
C GLY B 351 -26.18 3.81 5.09
N LYS B 352 -26.53 2.92 6.00
CA LYS B 352 -25.75 2.61 7.18
C LYS B 352 -25.05 1.28 6.99
N MET B 353 -24.04 1.03 7.83
CA MET B 353 -23.53 -0.31 8.02
C MET B 353 -22.90 -0.35 9.41
N SER B 354 -23.54 -1.07 10.32
CA SER B 354 -23.10 -1.15 11.72
C SER B 354 -22.20 -2.36 11.93
N ARG B 355 -21.10 -2.15 12.64
CA ARG B 355 -20.27 -3.24 13.11
C ARG B 355 -21.14 -4.35 13.70
N GLN B 356 -20.82 -5.60 13.38
CA GLN B 356 -21.63 -6.69 13.89
C GLN B 356 -20.96 -7.37 15.08
N LYS B 357 -21.78 -8.04 15.88
CA LYS B 357 -21.53 -8.20 17.31
C LYS B 357 -20.40 -9.17 17.61
N LYS B 358 -20.54 -10.43 17.20
CA LYS B 358 -19.63 -11.47 17.66
C LYS B 358 -18.23 -11.28 17.10
N LYS B 359 -18.11 -11.25 15.78
CA LYS B 359 -16.80 -11.32 15.13
C LYS B 359 -15.98 -10.06 15.37
N ALA B 360 -14.67 -10.24 15.50
CA ALA B 360 -13.77 -9.10 15.58
C ALA B 360 -13.81 -8.33 14.27
N GLU B 361 -13.70 -7.01 14.39
CA GLU B 361 -13.90 -6.14 13.24
C GLU B 361 -13.32 -4.76 13.56
N ASN B 362 -12.44 -4.28 12.70
CA ASN B 362 -11.98 -2.90 12.78
C ASN B 362 -12.78 -2.05 11.79
N THR B 363 -12.55 -0.74 11.88
CA THR B 363 -13.36 0.20 11.10
C THR B 363 -13.15 0.00 9.60
N CYS B 364 -11.91 -0.29 9.19
CA CYS B 364 -11.64 -0.59 7.78
C CYS B 364 -12.47 -1.77 7.28
N ASP B 365 -12.74 -2.74 8.16
CA ASP B 365 -13.54 -3.90 7.76
C ASP B 365 -14.99 -3.51 7.54
N ILE B 366 -15.54 -2.66 8.42
CA ILE B 366 -16.89 -2.15 8.20
C ILE B 366 -16.95 -1.36 6.90
N ALA B 367 -15.86 -0.65 6.58
CA ALA B 367 -15.82 0.08 5.31
C ALA B 367 -15.84 -0.87 4.12
N LEU B 368 -15.13 -2.00 4.22
CA LEU B 368 -15.14 -2.97 3.14
C LEU B 368 -16.52 -3.59 2.96
N ARG B 369 -17.12 -4.02 4.07
CA ARG B 369 -18.48 -4.54 4.05
C ARG B 369 -19.44 -3.55 3.39
N ALA B 370 -19.38 -2.29 3.82
CA ALA B 370 -20.20 -1.24 3.22
C ALA B 370 -19.97 -1.17 1.72
N CYS B 371 -18.70 -1.16 1.30
CA CYS B 371 -18.38 -1.11 -0.12
C CYS B 371 -19.06 -2.23 -0.89
N TYR B 372 -19.18 -3.42 -0.29
CA TYR B 372 -19.84 -4.51 -1.01
C TYR B 372 -21.35 -4.31 -1.04
N LYS B 373 -21.94 -3.83 0.05
CA LYS B 373 -23.37 -3.51 0.04
C LYS B 373 -23.70 -2.45 -1.02
N ILE B 374 -22.87 -1.40 -1.09
CA ILE B 374 -23.01 -0.39 -2.13
C ILE B 374 -22.88 -1.03 -3.50
N ARG B 375 -21.95 -1.97 -3.65
CA ARG B 375 -21.75 -2.62 -4.93
C ARG B 375 -23.03 -3.31 -5.41
N GLU B 376 -23.67 -4.10 -4.53
CA GLU B 376 -24.88 -4.78 -4.96
C GLU B 376 -26.00 -3.79 -5.28
N GLU B 377 -26.21 -2.79 -4.41
CA GLU B 377 -27.27 -1.81 -4.69
C GLU B 377 -27.04 -1.10 -6.02
N SER B 378 -25.83 -0.58 -6.23
CA SER B 378 -25.52 0.20 -7.42
C SER B 378 -25.63 -0.65 -8.69
N ILE B 379 -25.22 -1.91 -8.63
CA ILE B 379 -25.36 -2.76 -9.81
C ILE B 379 -26.82 -3.04 -10.11
N ILE B 380 -27.64 -3.27 -9.07
CA ILE B 380 -29.05 -3.55 -9.33
C ILE B 380 -29.76 -2.34 -9.92
N ARG B 381 -29.38 -1.13 -9.52
CA ARG B 381 -30.14 0.05 -9.96
C ARG B 381 -29.53 0.75 -11.18
N ILE B 382 -28.27 1.16 -11.08
CA ILE B 382 -27.65 1.85 -12.21
C ILE B 382 -27.02 0.86 -13.20
N GLY B 383 -26.60 -0.31 -12.73
CA GLY B 383 -25.85 -1.22 -13.57
C GLY B 383 -24.37 -0.97 -13.59
N LYS B 384 -23.85 -0.17 -12.67
CA LYS B 384 -22.43 0.11 -12.58
C LYS B 384 -22.05 0.24 -11.12
N GLU B 385 -20.75 0.37 -10.88
CA GLU B 385 -20.14 0.54 -9.58
C GLU B 385 -19.63 1.97 -9.40
N PRO B 386 -19.84 2.58 -8.25
CA PRO B 386 -19.32 3.93 -8.03
C PRO B 386 -17.86 3.90 -7.62
N ARG B 387 -17.24 5.07 -7.71
CA ARG B 387 -15.95 5.28 -7.07
C ARG B 387 -16.17 5.48 -5.57
N TYR B 388 -15.39 4.77 -4.77
CA TYR B 388 -15.54 4.79 -3.32
C TYR B 388 -14.57 5.81 -2.73
N GLU B 389 -15.11 6.81 -2.04
CA GLU B 389 -14.34 7.85 -1.37
C GLU B 389 -14.36 7.55 0.13
N ILE B 390 -13.20 7.15 0.64
CA ILE B 390 -13.06 6.62 1.98
C ILE B 390 -12.09 7.51 2.75
N PRO B 391 -12.42 7.93 3.98
CA PRO B 391 -11.48 8.73 4.80
C PRO B 391 -10.45 7.85 5.51
N THR B 392 -9.42 7.47 4.76
CA THR B 392 -8.30 6.71 5.30
C THR B 392 -7.06 7.11 4.51
N SER B 393 -5.94 6.47 4.82
CA SER B 393 -4.70 6.60 4.08
C SER B 393 -4.50 5.35 3.23
N ARG B 394 -3.72 5.50 2.16
CA ARG B 394 -3.41 4.35 1.29
C ARG B 394 -2.75 3.24 2.08
N GLU B 395 -2.08 3.58 3.19
CA GLU B 395 -1.29 2.60 3.93
C GLU B 395 -2.14 1.78 4.89
N ALA B 396 -3.11 2.41 5.56
CA ALA B 396 -3.96 1.67 6.50
C ALA B 396 -4.89 0.73 5.77
N TRP B 397 -5.75 1.27 4.90
CA TRP B 397 -6.34 0.51 3.81
C TRP B 397 -5.17 -0.11 3.04
N GLU B 398 -5.41 -1.18 2.30
CA GLU B 398 -4.39 -1.78 1.43
C GLU B 398 -3.32 -2.51 2.24
N SER B 399 -3.31 -2.30 3.56
CA SER B 399 -2.67 -3.22 4.48
C SER B 399 -3.70 -4.01 5.25
N ASN B 400 -4.91 -3.49 5.37
CA ASN B 400 -6.02 -4.28 5.90
C ASN B 400 -6.53 -5.28 4.89
N LEU B 401 -6.30 -5.08 3.59
CA LEU B 401 -6.81 -6.06 2.65
C LEU B 401 -5.83 -7.19 2.37
N ILE B 402 -4.51 -6.94 2.46
CA ILE B 402 -3.54 -7.90 1.94
C ILE B 402 -3.63 -9.23 2.69
N ASN B 403 -3.97 -9.19 3.97
CA ASN B 403 -4.02 -10.40 4.80
C ASN B 403 -5.31 -10.47 5.59
N SER B 404 -6.41 -10.12 4.96
CA SER B 404 -7.62 -10.09 5.76
C SER B 404 -8.62 -11.15 5.33
N PRO B 405 -9.47 -11.56 6.25
CA PRO B 405 -10.80 -12.07 5.89
C PRO B 405 -11.71 -10.92 5.48
N TYR B 406 -13.01 -11.19 5.32
CA TYR B 406 -14.00 -10.16 5.01
C TYR B 406 -13.83 -9.70 3.57
N LEU B 407 -12.85 -10.26 2.90
CA LEU B 407 -12.49 -9.96 1.54
C LEU B 407 -13.17 -11.00 0.67
N LYS B 408 -14.25 -10.61 -0.01
CA LYS B 408 -15.00 -11.56 -0.80
C LYS B 408 -14.72 -11.48 -2.30
N ALA B 409 -14.52 -10.28 -2.84
CA ALA B 409 -14.41 -10.04 -4.27
C ALA B 409 -13.14 -9.27 -4.55
N PRO B 410 -12.82 -9.05 -5.84
CA PRO B 410 -11.76 -8.08 -6.16
C PRO B 410 -11.98 -6.77 -5.44
N PRO B 411 -10.90 -6.12 -4.97
CA PRO B 411 -11.08 -5.01 -4.05
C PRO B 411 -11.71 -3.82 -4.72
N PRO B 412 -12.54 -3.05 -4.01
CA PRO B 412 -13.14 -1.85 -4.61
C PRO B 412 -12.06 -0.86 -5.02
N GLU B 413 -12.30 -0.17 -6.13
CA GLU B 413 -11.41 0.90 -6.55
C GLU B 413 -11.72 2.15 -5.72
N VAL B 414 -10.67 2.71 -5.10
CA VAL B 414 -10.81 3.56 -3.93
C VAL B 414 -10.14 4.90 -4.18
N GLU B 415 -10.79 5.98 -3.76
CA GLU B 415 -10.20 7.31 -3.70
C GLU B 415 -10.07 7.72 -2.24
N TYR B 416 -8.90 8.23 -1.87
CA TYR B 416 -8.60 8.56 -0.48
C TYR B 416 -8.90 10.03 -0.23
N ILE B 417 -9.77 10.29 0.75
CA ILE B 417 -10.27 11.62 1.03
C ILE B 417 -9.98 11.98 2.47
N HIS B 418 -9.95 13.29 2.74
CA HIS B 418 -9.73 13.81 4.08
C HIS B 418 -11.06 13.88 4.82
N ALA B 419 -11.02 13.56 6.11
CA ALA B 419 -12.22 13.67 6.94
C ALA B 419 -12.59 15.14 7.10
N ALA B 420 -13.86 15.45 6.86
CA ALA B 420 -14.36 16.81 6.94
C ALA B 420 -15.63 16.83 7.78
N LEU B 421 -15.68 17.78 8.72
CA LEU B 421 -16.71 17.77 9.75
C LEU B 421 -18.09 18.01 9.18
N ASN B 422 -18.20 18.82 8.11
CA ASN B 422 -19.50 19.05 7.50
C ASN B 422 -20.11 17.76 6.97
N ILE B 423 -19.28 16.90 6.36
CA ILE B 423 -19.79 15.65 5.81
C ILE B 423 -20.12 14.66 6.93
N LYS B 424 -19.32 14.65 7.99
CA LYS B 424 -19.64 13.81 9.14
C LYS B 424 -20.98 14.19 9.74
N ARG B 425 -21.21 15.50 9.94
CA ARG B 425 -22.47 15.96 10.51
C ARG B 425 -23.63 15.77 9.53
N ALA B 426 -23.35 15.81 8.23
CA ALA B 426 -24.41 15.61 7.25
C ALA B 426 -24.96 14.19 7.30
N LEU B 427 -24.09 13.19 7.25
CA LEU B 427 -24.49 11.80 7.15
C LEU B 427 -24.93 11.20 8.48
N SER B 428 -25.21 12.03 9.47
CA SER B 428 -25.71 11.56 10.76
C SER B 428 -26.99 12.27 11.16
#